data_5MOU
#
_entry.id   5MOU
#
_cell.length_a   1.000
_cell.length_b   1.000
_cell.length_c   1.000
_cell.angle_alpha   90.00
_cell.angle_beta   90.00
_cell.angle_gamma   90.00
#
_symmetry.space_group_name_H-M   'P 1'
#
_entity_poly.entity_id   1
_entity_poly.type   'polypeptide(L)'
_entity_poly.pdbx_seq_one_letter_code
;ARDAYIAKPHNCVYECYNPKGSYCNDLCTENGAESGYCQILGKYGNACWCIQLPDNVPIRIPGKCH
;
_entity_poly.pdbx_strand_id   A
#
# COMPACT_ATOMS: atom_id res chain seq x y z
N ALA A 1 -4.98 -13.24 4.57
CA ALA A 1 -4.40 -11.94 4.25
C ALA A 1 -2.89 -12.04 4.12
N ARG A 2 -2.28 -11.02 3.54
CA ARG A 2 -0.83 -10.99 3.35
C ARG A 2 -0.31 -9.54 3.36
N ASP A 3 1.00 -9.39 3.14
CA ASP A 3 1.61 -8.08 3.12
C ASP A 3 1.98 -7.67 1.69
N ALA A 4 1.66 -6.44 1.33
CA ALA A 4 1.96 -5.93 -0.01
C ALA A 4 1.58 -4.46 -0.13
N TYR A 5 1.71 -3.93 -1.34
CA TYR A 5 1.39 -2.52 -1.59
C TYR A 5 -0.11 -2.36 -1.87
N ILE A 6 -0.71 -1.34 -1.26
CA ILE A 6 -2.13 -1.08 -1.45
C ILE A 6 -2.39 -0.42 -2.80
N ALA A 7 -3.40 -0.91 -3.50
CA ALA A 7 -3.76 -0.37 -4.80
C ALA A 7 -4.70 0.82 -4.67
N LYS A 8 -4.65 1.73 -5.64
CA LYS A 8 -5.49 2.92 -5.63
C LYS A 8 -6.11 3.16 -7.00
N PRO A 9 -7.11 4.06 -7.05
CA PRO A 9 -7.79 4.40 -8.30
C PRO A 9 -6.91 5.19 -9.25
N HIS A 10 -6.45 4.53 -10.32
CA HIS A 10 -6.78 3.12 -10.54
C HIS A 10 -5.52 2.32 -10.85
N ASN A 11 -5.33 1.23 -10.12
CA ASN A 11 -4.18 0.36 -10.32
C ASN A 11 -2.87 1.13 -10.06
N CYS A 12 -2.96 2.16 -9.22
CA CYS A 12 -1.80 2.97 -8.89
C CYS A 12 -1.31 2.68 -7.48
N VAL A 13 -0.03 2.93 -7.24
CA VAL A 13 0.56 2.70 -5.92
C VAL A 13 0.33 3.89 -5.00
N TYR A 14 0.33 3.64 -3.70
CA TYR A 14 0.13 4.70 -2.72
C TYR A 14 1.46 5.24 -2.21
N GLU A 15 1.98 6.26 -2.90
CA GLU A 15 3.25 6.86 -2.52
C GLU A 15 3.15 7.53 -1.15
N CYS A 16 4.04 7.14 -0.24
CA CYS A 16 4.06 7.70 1.10
C CYS A 16 5.15 8.76 1.24
N TYR A 17 4.80 9.89 1.85
CA TYR A 17 5.75 10.98 2.05
C TYR A 17 6.31 10.96 3.46
N ASN A 18 5.52 10.43 4.40
CA ASN A 18 5.94 10.36 5.79
C ASN A 18 6.28 8.93 6.19
N PRO A 19 7.51 8.50 5.87
CA PRO A 19 7.99 7.15 6.18
C PRO A 19 8.19 6.94 7.67
N LYS A 20 8.47 8.03 8.39
CA LYS A 20 8.67 7.95 9.84
C LYS A 20 7.37 8.23 10.59
N GLY A 21 6.25 7.98 9.93
CA GLY A 21 4.96 8.19 10.56
C GLY A 21 3.98 7.06 10.29
N SER A 22 2.77 7.21 10.81
CA SER A 22 1.73 6.18 10.64
C SER A 22 0.86 6.50 9.43
N TYR A 23 1.43 7.19 8.46
CA TYR A 23 0.69 7.57 7.26
C TYR A 23 0.18 6.32 6.53
N CYS A 24 1.11 5.54 5.99
CA CYS A 24 0.77 4.32 5.27
C CYS A 24 0.00 3.35 6.16
N ASN A 25 0.42 3.28 7.43
CA ASN A 25 -0.22 2.39 8.39
C ASN A 25 -1.72 2.65 8.47
N ASP A 26 -2.08 3.90 8.77
CA ASP A 26 -3.49 4.27 8.87
C ASP A 26 -4.23 3.99 7.56
N LEU A 27 -3.67 4.47 6.46
CA LEU A 27 -4.27 4.27 5.15
C LEU A 27 -4.45 2.78 4.85
N CYS A 28 -3.47 1.98 5.26
CA CYS A 28 -3.53 0.54 5.04
C CYS A 28 -4.71 -0.08 5.78
N THR A 29 -4.84 0.24 7.07
CA THR A 29 -5.93 -0.29 7.88
C THR A 29 -7.28 0.20 7.36
N GLU A 30 -7.28 1.32 6.67
CA GLU A 30 -8.50 1.88 6.11
C GLU A 30 -9.17 0.90 5.16
N ASN A 31 -8.37 -0.03 4.62
CA ASN A 31 -8.88 -1.03 3.69
C ASN A 31 -9.04 -2.38 4.38
N GLY A 32 -9.15 -2.36 5.70
CA GLY A 32 -9.31 -3.59 6.45
C GLY A 32 -7.97 -4.25 6.76
N ALA A 33 -6.90 -3.47 6.67
CA ALA A 33 -5.56 -3.99 6.93
C ALA A 33 -5.24 -3.93 8.43
N GLU A 34 -4.37 -4.83 8.87
CA GLU A 34 -3.99 -4.88 10.27
C GLU A 34 -2.95 -3.80 10.60
N SER A 35 -2.11 -3.50 9.62
CA SER A 35 -1.07 -2.48 9.79
C SER A 35 -0.53 -2.02 8.45
N GLY A 36 0.46 -1.13 8.49
CA GLY A 36 1.06 -0.63 7.26
C GLY A 36 2.24 0.27 7.52
N TYR A 37 3.11 0.40 6.53
CA TYR A 37 4.30 1.23 6.65
C TYR A 37 4.81 1.67 5.29
N CYS A 38 5.60 2.73 5.26
CA CYS A 38 6.17 3.25 4.02
C CYS A 38 7.30 2.37 3.52
N GLN A 39 7.13 1.81 2.33
CA GLN A 39 8.15 0.94 1.74
C GLN A 39 9.00 1.71 0.74
N ILE A 40 10.32 1.65 0.95
CA ILE A 40 11.26 2.34 0.06
C ILE A 40 11.79 1.40 -1.01
N LEU A 41 12.01 0.14 -0.63
CA LEU A 41 12.51 -0.86 -1.56
C LEU A 41 11.43 -1.31 -2.53
N GLY A 42 10.80 -0.35 -3.19
CA GLY A 42 9.75 -0.66 -4.15
C GLY A 42 10.20 -0.50 -5.58
N LYS A 43 9.79 -1.43 -6.44
CA LYS A 43 10.15 -1.39 -7.85
C LYS A 43 9.70 -0.08 -8.49
N TYR A 44 8.64 0.50 -7.95
CA TYR A 44 8.10 1.74 -8.47
C TYR A 44 8.36 2.90 -7.51
N GLY A 45 9.39 2.74 -6.67
CA GLY A 45 9.73 3.77 -5.71
C GLY A 45 9.08 3.54 -4.36
N ASN A 46 8.59 4.62 -3.75
CA ASN A 46 7.95 4.54 -2.45
C ASN A 46 6.48 4.14 -2.59
N ALA A 47 6.13 2.97 -2.05
CA ALA A 47 4.77 2.48 -2.12
C ALA A 47 4.24 2.14 -0.73
N CYS A 48 2.97 2.44 -0.50
CA CYS A 48 2.33 2.17 0.78
C CYS A 48 2.25 0.68 1.05
N TRP A 49 2.98 0.22 2.07
CA TRP A 49 2.98 -1.19 2.43
C TRP A 49 1.94 -1.49 3.50
N CYS A 50 1.20 -2.58 3.33
CA CYS A 50 0.17 -2.97 4.28
C CYS A 50 0.43 -4.37 4.80
N ILE A 51 0.16 -4.58 6.09
CA ILE A 51 0.37 -5.88 6.72
C ILE A 51 -0.97 -6.53 7.08
N GLN A 52 -1.11 -7.81 6.76
CA GLN A 52 -2.33 -8.55 7.05
C GLN A 52 -3.51 -7.99 6.27
N LEU A 53 -3.28 -7.73 4.98
CA LEU A 53 -4.32 -7.20 4.11
C LEU A 53 -5.17 -8.33 3.52
N PRO A 54 -6.49 -8.13 3.55
CA PRO A 54 -7.45 -9.12 3.03
C PRO A 54 -7.39 -9.22 1.50
N ASP A 55 -7.60 -10.43 0.99
CA ASP A 55 -7.58 -10.66 -0.44
C ASP A 55 -8.69 -9.87 -1.14
N ASN A 56 -9.56 -9.26 -0.34
CA ASN A 56 -10.67 -8.48 -0.88
C ASN A 56 -10.18 -7.12 -1.39
N VAL A 57 -9.06 -6.66 -0.84
CA VAL A 57 -8.49 -5.38 -1.24
C VAL A 57 -7.47 -5.56 -2.36
N PRO A 58 -7.53 -4.69 -3.37
CA PRO A 58 -6.61 -4.73 -4.52
C PRO A 58 -5.19 -4.34 -4.13
N ILE A 59 -4.22 -4.86 -4.87
CA ILE A 59 -2.81 -4.56 -4.62
C ILE A 59 -2.13 -4.02 -5.87
N ARG A 60 -0.94 -3.45 -5.69
CA ARG A 60 -0.18 -2.89 -6.80
C ARG A 60 0.26 -4.00 -7.76
N ILE A 61 -0.25 -3.93 -8.99
CA ILE A 61 0.09 -4.92 -10.00
C ILE A 61 0.82 -4.28 -11.18
N PRO A 62 1.53 -5.11 -11.96
CA PRO A 62 2.28 -4.64 -13.13
C PRO A 62 1.38 -4.21 -14.27
N GLY A 63 0.60 -3.15 -14.03
CA GLY A 63 -0.29 -2.64 -15.04
C GLY A 63 -0.26 -1.12 -15.15
N LYS A 64 -1.08 -0.58 -16.05
CA LYS A 64 -1.14 0.86 -16.24
C LYS A 64 -2.08 1.52 -15.25
N CYS A 65 -1.70 2.68 -14.75
CA CYS A 65 -2.52 3.41 -13.78
C CYS A 65 -3.39 4.44 -14.48
N HIS A 66 -4.44 4.88 -13.78
CA HIS A 66 -5.36 5.87 -14.34
C HIS A 66 -4.62 6.83 -15.27
N ALA A 1 -4.78 -13.35 5.10
CA ALA A 1 -4.35 -12.13 4.39
C ALA A 1 -2.90 -12.23 3.96
N ARG A 2 -2.42 -11.18 3.29
CA ARG A 2 -1.04 -11.15 2.83
C ARG A 2 -0.49 -9.72 2.84
N ASP A 3 0.83 -9.60 2.82
CA ASP A 3 1.48 -8.30 2.83
C ASP A 3 1.84 -7.85 1.42
N ALA A 4 1.53 -6.59 1.11
CA ALA A 4 1.82 -6.04 -0.21
C ALA A 4 1.49 -4.56 -0.26
N TYR A 5 1.70 -3.95 -1.43
CA TYR A 5 1.42 -2.53 -1.62
C TYR A 5 -0.05 -2.31 -1.96
N ILE A 6 -0.65 -1.31 -1.32
CA ILE A 6 -2.05 -0.98 -1.56
C ILE A 6 -2.23 -0.26 -2.89
N ALA A 7 -3.26 -0.64 -3.63
CA ALA A 7 -3.54 -0.03 -4.93
C ALA A 7 -4.50 1.15 -4.77
N LYS A 8 -4.49 2.04 -5.76
CA LYS A 8 -5.36 3.22 -5.74
C LYS A 8 -6.02 3.42 -7.10
N PRO A 9 -7.05 4.28 -7.12
CA PRO A 9 -7.80 4.59 -8.36
C PRO A 9 -6.96 5.40 -9.34
N HIS A 10 -6.53 4.74 -10.42
CA HIS A 10 -6.83 3.34 -10.63
C HIS A 10 -5.58 2.56 -11.00
N ASN A 11 -5.29 1.51 -10.25
CA ASN A 11 -4.11 0.67 -10.51
C ASN A 11 -2.83 1.47 -10.28
N CYS A 12 -2.80 2.21 -9.19
CA CYS A 12 -1.63 3.03 -8.84
C CYS A 12 -1.18 2.75 -7.41
N VAL A 13 0.09 3.00 -7.14
CA VAL A 13 0.65 2.78 -5.81
C VAL A 13 0.44 4.01 -4.93
N TYR A 14 0.39 3.79 -3.62
CA TYR A 14 0.20 4.89 -2.67
C TYR A 14 1.54 5.38 -2.13
N GLU A 15 2.02 6.50 -2.67
CA GLU A 15 3.29 7.08 -2.25
C GLU A 15 3.22 7.53 -0.79
N CYS A 16 4.27 7.24 -0.04
CA CYS A 16 4.32 7.62 1.36
C CYS A 16 4.83 9.05 1.52
N TYR A 17 4.06 9.86 2.23
CA TYR A 17 4.41 11.26 2.45
C TYR A 17 5.01 11.45 3.84
N ASN A 18 4.67 10.56 4.76
CA ASN A 18 5.17 10.63 6.12
C ASN A 18 5.64 9.25 6.61
N PRO A 19 6.89 8.90 6.28
CA PRO A 19 7.48 7.62 6.68
C PRO A 19 7.74 7.54 8.18
N LYS A 20 7.90 8.68 8.81
CA LYS A 20 8.15 8.73 10.25
C LYS A 20 6.85 8.93 11.02
N GLY A 21 5.73 8.54 10.41
CA GLY A 21 4.44 8.68 11.05
C GLY A 21 3.52 7.51 10.75
N SER A 22 2.27 7.61 11.21
CA SER A 22 1.29 6.55 11.00
C SER A 22 0.44 6.85 9.77
N TYR A 23 1.02 7.56 8.81
CA TYR A 23 0.31 7.90 7.58
C TYR A 23 -0.04 6.66 6.78
N CYS A 24 0.98 6.05 6.18
CA CYS A 24 0.79 4.84 5.39
C CYS A 24 0.08 3.76 6.19
N ASN A 25 0.45 3.64 7.46
CA ASN A 25 -0.16 2.65 8.34
C ASN A 25 -1.67 2.83 8.41
N ASP A 26 -2.11 4.03 8.78
CA ASP A 26 -3.53 4.33 8.87
C ASP A 26 -4.24 4.01 7.58
N LEU A 27 -3.74 4.55 6.48
CA LEU A 27 -4.33 4.33 5.16
C LEU A 27 -4.32 2.84 4.81
N CYS A 28 -3.26 2.15 5.22
CA CYS A 28 -3.13 0.73 4.95
C CYS A 28 -4.22 -0.07 5.67
N THR A 29 -4.22 0.03 7.00
CA THR A 29 -5.21 -0.69 7.81
C THR A 29 -6.62 -0.20 7.50
N GLU A 30 -6.73 1.05 7.05
CA GLU A 30 -8.03 1.62 6.72
C GLU A 30 -8.77 0.75 5.71
N ASN A 31 -8.03 -0.10 5.01
CA ASN A 31 -8.62 -0.99 4.02
C ASN A 31 -8.76 -2.40 4.57
N GLY A 32 -8.79 -2.52 5.90
CA GLY A 32 -8.93 -3.81 6.53
C GLY A 32 -7.58 -4.41 6.93
N ALA A 33 -6.51 -3.82 6.43
CA ALA A 33 -5.16 -4.29 6.73
C ALA A 33 -4.87 -4.19 8.23
N GLU A 34 -3.95 -5.01 8.70
CA GLU A 34 -3.58 -5.01 10.11
C GLU A 34 -2.59 -3.88 10.41
N SER A 35 -1.76 -3.55 9.43
CA SER A 35 -0.77 -2.50 9.59
C SER A 35 -0.25 -2.02 8.23
N GLY A 36 0.62 -1.02 8.25
CA GLY A 36 1.18 -0.49 7.02
C GLY A 36 2.25 0.55 7.27
N TYR A 37 3.12 0.74 6.28
CA TYR A 37 4.20 1.72 6.40
C TYR A 37 4.81 2.01 5.04
N CYS A 38 5.71 2.99 5.00
CA CYS A 38 6.38 3.37 3.76
C CYS A 38 7.44 2.34 3.37
N GLN A 39 7.27 1.75 2.19
CA GLN A 39 8.20 0.74 1.71
C GLN A 39 9.10 1.32 0.63
N ILE A 40 10.41 1.20 0.83
CA ILE A 40 11.38 1.71 -0.14
C ILE A 40 11.84 0.61 -1.09
N LEU A 41 11.75 -0.64 -0.64
CA LEU A 41 12.16 -1.78 -1.45
C LEU A 41 11.06 -2.16 -2.43
N GLY A 42 10.42 -1.15 -3.03
CA GLY A 42 9.36 -1.40 -3.98
C GLY A 42 9.85 -1.34 -5.42
N LYS A 43 9.43 -2.33 -6.22
CA LYS A 43 9.83 -2.39 -7.62
C LYS A 43 9.49 -1.08 -8.34
N TYR A 44 8.51 -0.36 -7.82
CA TYR A 44 8.08 0.90 -8.40
C TYR A 44 8.50 2.08 -7.53
N GLY A 45 9.52 1.86 -6.71
CA GLY A 45 10.00 2.91 -5.83
C GLY A 45 9.37 2.85 -4.45
N ASN A 46 8.93 3.99 -3.95
CA ASN A 46 8.31 4.07 -2.63
C ASN A 46 6.79 3.91 -2.74
N ALA A 47 6.27 2.86 -2.10
CA ALA A 47 4.84 2.60 -2.13
C ALA A 47 4.33 2.19 -0.75
N CYS A 48 3.09 2.54 -0.45
CA CYS A 48 2.48 2.20 0.83
C CYS A 48 2.32 0.69 0.98
N TRP A 49 3.13 0.10 1.85
CA TRP A 49 3.08 -1.34 2.09
C TRP A 49 2.18 -1.65 3.28
N CYS A 50 1.16 -2.48 3.06
CA CYS A 50 0.24 -2.87 4.12
C CYS A 50 0.47 -4.31 4.53
N ILE A 51 0.49 -4.55 5.83
CA ILE A 51 0.69 -5.90 6.36
C ILE A 51 -0.63 -6.53 6.78
N GLN A 52 -0.80 -7.82 6.47
CA GLN A 52 -2.01 -8.54 6.81
C GLN A 52 -3.21 -7.98 6.04
N LEU A 53 -3.00 -7.68 4.77
CA LEU A 53 -4.07 -7.14 3.93
C LEU A 53 -4.92 -8.26 3.33
N PRO A 54 -6.25 -8.10 3.43
CA PRO A 54 -7.20 -9.08 2.91
C PRO A 54 -7.22 -9.12 1.38
N ASP A 55 -7.43 -10.32 0.83
CA ASP A 55 -7.46 -10.49 -0.61
C ASP A 55 -8.62 -9.71 -1.23
N ASN A 56 -9.46 -9.14 -0.38
CA ASN A 56 -10.60 -8.36 -0.84
C ASN A 56 -10.16 -6.98 -1.31
N VAL A 57 -9.04 -6.50 -0.77
CA VAL A 57 -8.51 -5.20 -1.14
C VAL A 57 -7.53 -5.31 -2.30
N PRO A 58 -7.65 -4.40 -3.27
CA PRO A 58 -6.78 -4.37 -4.45
C PRO A 58 -5.35 -3.96 -4.10
N ILE A 59 -4.38 -4.53 -4.81
CA ILE A 59 -2.97 -4.22 -4.58
C ILE A 59 -2.30 -3.75 -5.86
N ARG A 60 -1.05 -3.32 -5.73
CA ARG A 60 -0.29 -2.84 -6.89
C ARG A 60 0.04 -3.99 -7.83
N ILE A 61 -0.45 -3.89 -9.06
CA ILE A 61 -0.20 -4.92 -10.07
C ILE A 61 0.57 -4.35 -11.26
N PRO A 62 1.20 -5.24 -12.04
CA PRO A 62 1.98 -4.86 -13.21
C PRO A 62 1.09 -4.35 -14.35
N GLY A 63 0.46 -3.20 -14.13
CA GLY A 63 -0.41 -2.62 -15.13
C GLY A 63 -0.30 -1.11 -15.19
N LYS A 64 -1.05 -0.50 -16.10
CA LYS A 64 -1.04 0.95 -16.26
C LYS A 64 -1.97 1.61 -15.25
N CYS A 65 -1.55 2.77 -14.73
CA CYS A 65 -2.35 3.50 -13.75
C CYS A 65 -3.29 4.48 -14.45
N HIS A 66 -4.37 4.83 -13.77
CA HIS A 66 -5.35 5.77 -14.33
C HIS A 66 -5.64 5.44 -15.79
N ALA A 1 -5.08 -13.32 5.43
CA ALA A 1 -4.65 -12.14 4.69
C ALA A 1 -3.18 -12.24 4.28
N ARG A 2 -2.76 -11.33 3.41
CA ARG A 2 -1.38 -11.32 2.94
C ARG A 2 -0.81 -9.90 2.94
N ASP A 3 0.51 -9.81 2.89
CA ASP A 3 1.18 -8.50 2.89
C ASP A 3 1.54 -8.09 1.46
N ALA A 4 1.24 -6.83 1.12
CA ALA A 4 1.53 -6.31 -0.20
C ALA A 4 1.24 -4.82 -0.28
N TYR A 5 1.44 -4.24 -1.46
CA TYR A 5 1.20 -2.82 -1.66
C TYR A 5 -0.27 -2.55 -1.96
N ILE A 6 -0.80 -1.50 -1.33
CA ILE A 6 -2.21 -1.14 -1.53
C ILE A 6 -2.41 -0.46 -2.89
N ALA A 7 -3.45 -0.88 -3.59
CA ALA A 7 -3.77 -0.32 -4.90
C ALA A 7 -4.76 0.84 -4.78
N LYS A 8 -4.76 1.71 -5.78
CA LYS A 8 -5.66 2.86 -5.80
C LYS A 8 -6.20 3.11 -7.20
N PRO A 9 -7.22 3.98 -7.29
CA PRO A 9 -7.85 4.32 -8.57
C PRO A 9 -6.94 5.16 -9.46
N HIS A 10 -6.43 4.54 -10.52
CA HIS A 10 -6.74 3.14 -10.81
C HIS A 10 -5.46 2.36 -11.11
N ASN A 11 -5.29 1.23 -10.43
CA ASN A 11 -4.10 0.40 -10.62
C ASN A 11 -2.83 1.18 -10.34
N CYS A 12 -2.90 2.07 -9.35
CA CYS A 12 -1.75 2.88 -8.97
C CYS A 12 -1.35 2.61 -7.53
N VAL A 13 -0.06 2.80 -7.23
CA VAL A 13 0.45 2.59 -5.87
C VAL A 13 0.25 3.82 -5.01
N TYR A 14 0.20 3.61 -3.70
CA TYR A 14 0.00 4.71 -2.75
C TYR A 14 1.34 5.21 -2.22
N GLU A 15 1.79 6.34 -2.79
CA GLU A 15 3.06 6.93 -2.38
C GLU A 15 2.99 7.40 -0.92
N CYS A 16 4.02 7.08 -0.16
CA CYS A 16 4.09 7.46 1.25
C CYS A 16 4.66 8.87 1.40
N TYR A 17 4.00 9.69 2.22
CA TYR A 17 4.43 11.06 2.44
C TYR A 17 4.72 11.31 3.93
N ASN A 18 5.03 10.23 4.65
CA ASN A 18 5.32 10.33 6.08
C ASN A 18 6.22 9.18 6.52
N PRO A 19 7.53 9.32 6.27
CA PRO A 19 8.52 8.30 6.63
C PRO A 19 8.73 8.22 8.14
N LYS A 20 8.42 9.31 8.84
CA LYS A 20 8.57 9.35 10.29
C LYS A 20 7.26 9.01 10.98
N GLY A 21 6.15 9.21 10.28
CA GLY A 21 4.84 8.90 10.84
C GLY A 21 4.27 7.62 10.30
N SER A 22 3.11 7.23 10.83
CA SER A 22 2.45 5.99 10.40
C SER A 22 1.41 6.28 9.33
N TYR A 23 1.61 7.37 8.60
CA TYR A 23 0.68 7.76 7.53
C TYR A 23 0.29 6.55 6.68
N CYS A 24 1.28 5.77 6.29
CA CYS A 24 1.04 4.58 5.47
C CYS A 24 0.23 3.54 6.25
N ASN A 25 0.64 3.30 7.49
CA ASN A 25 -0.04 2.32 8.34
C ASN A 25 -1.53 2.64 8.44
N ASP A 26 -1.84 3.89 8.79
CA ASP A 26 -3.23 4.31 8.92
C ASP A 26 -4.01 4.04 7.63
N LEU A 27 -3.47 4.50 6.51
CA LEU A 27 -4.11 4.32 5.22
C LEU A 27 -4.28 2.83 4.90
N CYS A 28 -3.29 2.03 5.32
CA CYS A 28 -3.33 0.59 5.09
C CYS A 28 -4.49 -0.05 5.85
N THR A 29 -4.56 0.20 7.15
CA THR A 29 -5.62 -0.35 7.98
C THR A 29 -6.99 0.15 7.54
N GLU A 30 -7.01 1.31 6.88
CA GLU A 30 -8.25 1.90 6.40
C GLU A 30 -8.96 0.95 5.43
N ASN A 31 -8.19 0.05 4.83
CA ASN A 31 -8.74 -0.91 3.88
C ASN A 31 -8.90 -2.28 4.52
N GLY A 32 -8.96 -2.32 5.85
CA GLY A 32 -9.10 -3.57 6.56
C GLY A 32 -7.79 -4.28 6.76
N ALA A 33 -6.69 -3.53 6.64
CA ALA A 33 -5.35 -4.09 6.83
C ALA A 33 -4.96 -4.12 8.30
N GLU A 34 -4.17 -5.11 8.67
CA GLU A 34 -3.72 -5.24 10.06
C GLU A 34 -2.64 -4.21 10.39
N SER A 35 -1.85 -3.87 9.38
CA SER A 35 -0.77 -2.89 9.55
C SER A 35 -0.30 -2.34 8.21
N GLY A 36 0.64 -1.40 8.26
CA GLY A 36 1.15 -0.81 7.03
C GLY A 36 2.34 0.10 7.28
N TYR A 37 3.21 0.21 6.29
CA TYR A 37 4.40 1.06 6.42
C TYR A 37 4.88 1.52 5.05
N CYS A 38 5.67 2.60 5.03
CA CYS A 38 6.19 3.15 3.80
C CYS A 38 7.35 2.30 3.27
N GLN A 39 7.18 1.75 2.07
CA GLN A 39 8.21 0.93 1.46
C GLN A 39 9.06 1.75 0.50
N ILE A 40 10.35 1.85 0.82
CA ILE A 40 11.29 2.60 -0.02
C ILE A 40 12.03 1.69 -0.98
N LEU A 41 12.35 0.49 -0.51
CA LEU A 41 13.07 -0.49 -1.32
C LEU A 41 12.11 -1.27 -2.21
N GLY A 42 11.33 -0.55 -3.00
CA GLY A 42 10.38 -1.20 -3.89
C GLY A 42 10.82 -1.19 -5.34
N LYS A 43 9.90 -1.51 -6.24
CA LYS A 43 10.21 -1.54 -7.66
C LYS A 43 9.69 -0.28 -8.35
N TYR A 44 8.67 0.34 -7.77
CA TYR A 44 8.08 1.55 -8.32
C TYR A 44 8.35 2.75 -7.43
N GLY A 45 9.40 2.66 -6.62
CA GLY A 45 9.74 3.75 -5.72
C GLY A 45 9.13 3.58 -4.35
N ASN A 46 8.49 4.65 -3.86
CA ASN A 46 7.86 4.61 -2.54
C ASN A 46 6.38 4.22 -2.66
N ALA A 47 6.06 3.02 -2.15
CA ALA A 47 4.69 2.53 -2.19
C ALA A 47 4.24 2.06 -0.82
N CYS A 48 3.01 2.39 -0.46
CA CYS A 48 2.45 2.00 0.83
C CYS A 48 2.24 0.50 0.90
N TRP A 49 3.07 -0.17 1.69
CA TRP A 49 2.98 -1.61 1.85
C TRP A 49 2.15 -1.98 3.08
N CYS A 50 1.03 -2.65 2.84
CA CYS A 50 0.14 -3.05 3.93
C CYS A 50 0.43 -4.49 4.36
N ILE A 51 0.33 -4.74 5.66
CA ILE A 51 0.57 -6.07 6.20
C ILE A 51 -0.72 -6.74 6.66
N GLN A 52 -0.89 -8.01 6.32
CA GLN A 52 -2.08 -8.75 6.70
C GLN A 52 -3.33 -8.15 6.05
N LEU A 53 -3.22 -7.82 4.76
CA LEU A 53 -4.33 -7.23 4.03
C LEU A 53 -5.24 -8.33 3.47
N PRO A 54 -6.56 -8.11 3.59
CA PRO A 54 -7.56 -9.06 3.10
C PRO A 54 -7.61 -9.13 1.57
N ASP A 55 -7.93 -10.31 1.05
CA ASP A 55 -8.00 -10.51 -0.39
C ASP A 55 -9.13 -9.69 -1.00
N ASN A 56 -9.91 -9.04 -0.14
CA ASN A 56 -11.02 -8.21 -0.59
C ASN A 56 -10.52 -6.86 -1.10
N VAL A 57 -9.37 -6.43 -0.60
CA VAL A 57 -8.78 -5.17 -1.01
C VAL A 57 -7.86 -5.34 -2.20
N PRO A 58 -7.97 -4.42 -3.18
CA PRO A 58 -7.15 -4.46 -4.39
C PRO A 58 -5.68 -4.13 -4.11
N ILE A 59 -4.78 -4.90 -4.70
CA ILE A 59 -3.35 -4.69 -4.51
C ILE A 59 -2.70 -4.16 -5.78
N ARG A 60 -1.59 -3.45 -5.62
CA ARG A 60 -0.87 -2.89 -6.76
C ARG A 60 -0.30 -4.00 -7.64
N ILE A 61 -0.51 -3.87 -8.94
CA ILE A 61 -0.01 -4.86 -9.90
C ILE A 61 0.83 -4.20 -10.98
N PRO A 62 1.65 -5.01 -11.66
CA PRO A 62 2.53 -4.54 -12.74
C PRO A 62 1.75 -4.13 -13.98
N GLY A 63 0.93 -3.09 -13.85
CA GLY A 63 0.15 -2.61 -14.97
C GLY A 63 0.16 -1.10 -15.10
N LYS A 64 -0.64 -0.58 -16.02
CA LYS A 64 -0.72 0.86 -16.24
C LYS A 64 -1.70 1.51 -15.27
N CYS A 65 -1.37 2.71 -14.81
CA CYS A 65 -2.22 3.44 -13.88
C CYS A 65 -3.15 4.39 -14.63
N HIS A 66 -4.20 4.82 -13.95
CA HIS A 66 -5.18 5.74 -14.54
C HIS A 66 -4.49 6.69 -15.52
N ALA A 1 -4.79 -13.43 5.50
CA ALA A 1 -4.45 -12.25 4.71
C ALA A 1 -3.00 -12.31 4.24
N ARG A 2 -2.53 -11.22 3.63
CA ARG A 2 -1.17 -11.15 3.13
C ARG A 2 -0.68 -9.70 3.10
N ASP A 3 0.64 -9.53 2.97
CA ASP A 3 1.23 -8.21 2.93
C ASP A 3 1.55 -7.80 1.49
N ALA A 4 1.30 -6.53 1.17
CA ALA A 4 1.55 -6.02 -0.17
C ALA A 4 1.30 -4.52 -0.25
N TYR A 5 1.55 -3.94 -1.41
CA TYR A 5 1.35 -2.51 -1.61
C TYR A 5 -0.09 -2.21 -1.97
N ILE A 6 -0.68 -1.22 -1.29
CA ILE A 6 -2.06 -0.83 -1.54
C ILE A 6 -2.19 -0.10 -2.88
N ALA A 7 -3.22 -0.47 -3.63
CA ALA A 7 -3.47 0.15 -4.93
C ALA A 7 -4.58 1.19 -4.85
N LYS A 8 -4.53 2.18 -5.73
CA LYS A 8 -5.53 3.24 -5.76
C LYS A 8 -6.29 3.24 -7.09
N PRO A 9 -7.34 4.07 -7.15
CA PRO A 9 -8.17 4.18 -8.36
C PRO A 9 -7.43 4.86 -9.51
N HIS A 10 -7.00 4.07 -10.49
CA HIS A 10 -7.25 2.63 -10.46
C HIS A 10 -5.96 1.86 -10.77
N ASN A 11 -5.53 1.03 -9.83
CA ASN A 11 -4.32 0.24 -10.00
C ASN A 11 -3.07 1.12 -9.88
N CYS A 12 -3.18 2.18 -9.09
CA CYS A 12 -2.08 3.10 -8.89
C CYS A 12 -1.33 2.78 -7.59
N VAL A 13 -0.17 3.39 -7.41
CA VAL A 13 0.64 3.17 -6.21
C VAL A 13 0.44 4.30 -5.21
N TYR A 14 0.42 3.95 -3.93
CA TYR A 14 0.24 4.94 -2.87
C TYR A 14 1.59 5.42 -2.33
N GLU A 15 2.06 6.53 -2.86
CA GLU A 15 3.34 7.09 -2.43
C GLU A 15 3.27 7.54 -0.96
N CYS A 16 4.31 7.20 -0.20
CA CYS A 16 4.37 7.56 1.20
C CYS A 16 5.35 8.71 1.43
N TYR A 17 4.92 9.71 2.18
CA TYR A 17 5.76 10.88 2.47
C TYR A 17 6.29 10.82 3.90
N ASN A 18 5.43 10.38 4.81
CA ASN A 18 5.81 10.27 6.22
C ASN A 18 6.04 8.82 6.62
N PRO A 19 7.26 8.32 6.36
CA PRO A 19 7.62 6.93 6.69
C PRO A 19 7.74 6.71 8.20
N LYS A 20 8.06 7.77 8.93
CA LYS A 20 8.19 7.68 10.38
C LYS A 20 6.89 8.08 11.08
N GLY A 21 5.78 7.94 10.36
CA GLY A 21 4.49 8.28 10.93
C GLY A 21 3.44 7.22 10.66
N SER A 22 2.20 7.51 11.04
CA SER A 22 1.11 6.57 10.86
C SER A 22 0.36 6.87 9.55
N TYR A 23 1.06 7.46 8.60
CA TYR A 23 0.46 7.80 7.31
C TYR A 23 0.02 6.55 6.56
N CYS A 24 1.00 5.75 6.13
CA CYS A 24 0.72 4.53 5.40
C CYS A 24 -0.03 3.53 6.29
N ASN A 25 0.32 3.52 7.57
CA ASN A 25 -0.31 2.60 8.52
C ASN A 25 -1.82 2.82 8.56
N ASP A 26 -2.24 4.01 8.95
CA ASP A 26 -3.66 4.34 9.03
C ASP A 26 -4.35 4.08 7.70
N LEU A 27 -3.77 4.61 6.61
CA LEU A 27 -4.33 4.43 5.28
C LEU A 27 -4.42 2.95 4.92
N CYS A 28 -3.41 2.19 5.32
CA CYS A 28 -3.37 0.76 5.05
C CYS A 28 -4.50 0.03 5.76
N THR A 29 -4.57 0.20 7.08
CA THR A 29 -5.61 -0.44 7.88
C THR A 29 -6.99 0.08 7.49
N GLU A 30 -7.06 1.34 7.11
CA GLU A 30 -8.32 1.96 6.71
C GLU A 30 -9.00 1.16 5.60
N ASN A 31 -8.20 0.39 4.88
CA ASN A 31 -8.70 -0.44 3.79
C ASN A 31 -8.81 -1.90 4.20
N GLY A 32 -8.88 -2.14 5.50
CA GLY A 32 -8.99 -3.50 6.00
C GLY A 32 -7.64 -4.18 6.11
N ALA A 33 -6.82 -3.71 7.06
CA ALA A 33 -5.49 -4.28 7.26
C ALA A 33 -5.07 -4.17 8.72
N GLU A 34 -4.13 -5.01 9.13
CA GLU A 34 -3.63 -5.00 10.51
C GLU A 34 -2.74 -3.79 10.75
N SER A 35 -1.90 -3.47 9.77
CA SER A 35 -0.98 -2.34 9.88
C SER A 35 -0.44 -1.95 8.51
N GLY A 36 0.46 -0.97 8.49
CA GLY A 36 1.05 -0.52 7.25
C GLY A 36 2.13 0.51 7.46
N TYR A 37 3.01 0.67 6.48
CA TYR A 37 4.11 1.63 6.56
C TYR A 37 4.69 1.91 5.18
N CYS A 38 5.58 2.89 5.10
CA CYS A 38 6.21 3.27 3.85
C CYS A 38 7.27 2.24 3.44
N GLN A 39 7.16 1.74 2.22
CA GLN A 39 8.11 0.75 1.71
C GLN A 39 9.07 1.39 0.72
N ILE A 40 10.36 1.34 1.04
CA ILE A 40 11.39 1.91 0.16
C ILE A 40 11.86 0.90 -0.86
N LEU A 41 12.04 -0.35 -0.41
CA LEU A 41 12.50 -1.42 -1.30
C LEU A 41 11.37 -1.88 -2.22
N GLY A 42 10.69 -0.92 -2.84
CA GLY A 42 9.60 -1.24 -3.74
C GLY A 42 10.04 -1.28 -5.19
N LYS A 43 9.59 -2.29 -5.92
CA LYS A 43 9.94 -2.44 -7.33
C LYS A 43 9.61 -1.16 -8.11
N TYR A 44 8.65 -0.39 -7.60
CA TYR A 44 8.24 0.84 -8.25
C TYR A 44 8.63 2.05 -7.40
N GLY A 45 9.64 1.88 -6.55
CA GLY A 45 10.09 2.96 -5.70
C GLY A 45 9.45 2.93 -4.33
N ASN A 46 8.98 4.08 -3.87
CA ASN A 46 8.35 4.19 -2.55
C ASN A 46 6.84 3.98 -2.68
N ALA A 47 6.35 2.89 -2.12
CA ALA A 47 4.92 2.57 -2.16
C ALA A 47 4.42 2.16 -0.78
N CYS A 48 3.19 2.57 -0.47
CA CYS A 48 2.58 2.24 0.82
C CYS A 48 2.37 0.73 0.95
N TRP A 49 3.17 0.09 1.77
CA TRP A 49 3.07 -1.35 1.99
C TRP A 49 2.20 -1.66 3.21
N CYS A 50 1.11 -2.38 2.99
CA CYS A 50 0.21 -2.74 4.07
C CYS A 50 0.50 -4.14 4.59
N ILE A 51 0.40 -4.33 5.90
CA ILE A 51 0.65 -5.63 6.51
C ILE A 51 -0.65 -6.30 6.93
N GLN A 52 -0.75 -7.60 6.65
CA GLN A 52 -1.94 -8.36 6.98
C GLN A 52 -3.14 -7.90 6.18
N LEU A 53 -2.89 -7.48 4.94
CA LEU A 53 -3.95 -7.01 4.05
C LEU A 53 -4.60 -8.18 3.31
N PRO A 54 -5.93 -8.20 3.30
CA PRO A 54 -6.71 -9.25 2.63
C PRO A 54 -6.61 -9.16 1.11
N ASP A 55 -6.73 -10.31 0.45
CA ASP A 55 -6.64 -10.35 -1.00
C ASP A 55 -7.83 -9.61 -1.63
N ASN A 56 -8.75 -9.17 -0.79
CA ASN A 56 -9.93 -8.45 -1.27
C ASN A 56 -9.57 -7.02 -1.66
N VAL A 57 -8.50 -6.49 -1.07
CA VAL A 57 -8.05 -5.15 -1.37
C VAL A 57 -7.15 -5.12 -2.60
N PRO A 58 -7.36 -4.13 -3.48
CA PRO A 58 -6.58 -3.98 -4.71
C PRO A 58 -5.14 -3.56 -4.43
N ILE A 59 -4.19 -4.32 -4.97
CA ILE A 59 -2.77 -4.02 -4.78
C ILE A 59 -2.16 -3.46 -6.06
N ARG A 60 -0.97 -2.87 -5.93
CA ARG A 60 -0.28 -2.28 -7.06
C ARG A 60 0.35 -3.38 -7.93
N ILE A 61 -0.07 -3.44 -9.18
CA ILE A 61 0.45 -4.44 -10.11
C ILE A 61 1.07 -3.78 -11.34
N PRO A 62 1.91 -4.54 -12.06
CA PRO A 62 2.58 -4.05 -13.26
C PRO A 62 1.62 -3.86 -14.43
N GLY A 63 0.74 -2.88 -14.31
CA GLY A 63 -0.23 -2.61 -15.36
C GLY A 63 -0.51 -1.13 -15.52
N LYS A 64 -1.47 -0.80 -16.39
CA LYS A 64 -1.83 0.59 -16.65
C LYS A 64 -2.85 1.08 -15.62
N CYS A 65 -2.63 2.28 -15.09
CA CYS A 65 -3.53 2.86 -14.11
C CYS A 65 -4.55 3.78 -14.77
N HIS A 66 -5.61 4.09 -14.05
CA HIS A 66 -6.66 4.97 -14.57
C HIS A 66 -6.07 6.03 -15.49
N ALA A 1 -4.82 -13.31 4.96
CA ALA A 1 -4.33 -12.06 4.39
C ALA A 1 -2.86 -12.17 3.98
N ARG A 2 -2.34 -11.10 3.41
CA ARG A 2 -0.94 -11.08 2.96
C ARG A 2 -0.40 -9.65 2.94
N ASP A 3 0.92 -9.53 2.98
CA ASP A 3 1.57 -8.22 2.97
C ASP A 3 1.92 -7.80 1.54
N ALA A 4 1.57 -6.56 1.19
CA ALA A 4 1.84 -6.04 -0.14
C ALA A 4 1.47 -4.57 -0.23
N TYR A 5 1.65 -3.98 -1.41
CA TYR A 5 1.34 -2.58 -1.64
C TYR A 5 -0.15 -2.39 -1.97
N ILE A 6 -0.78 -1.44 -1.28
CA ILE A 6 -2.19 -1.17 -1.50
C ILE A 6 -2.41 -0.43 -2.82
N ALA A 7 -3.39 -0.90 -3.59
CA ALA A 7 -3.70 -0.28 -4.87
C ALA A 7 -4.68 0.88 -4.70
N LYS A 8 -4.66 1.81 -5.65
CA LYS A 8 -5.54 2.97 -5.60
C LYS A 8 -6.18 3.21 -6.96
N PRO A 9 -7.21 4.08 -6.98
CA PRO A 9 -7.94 4.41 -8.20
C PRO A 9 -7.10 5.24 -9.16
N HIS A 10 -6.64 4.60 -10.24
CA HIS A 10 -6.92 3.20 -10.47
C HIS A 10 -5.65 2.43 -10.81
N ASN A 11 -5.41 1.32 -10.11
CA ASN A 11 -4.23 0.52 -10.34
C ASN A 11 -2.95 1.32 -10.10
N CYS A 12 -3.01 2.22 -9.14
CA CYS A 12 -1.86 3.07 -8.80
C CYS A 12 -1.36 2.75 -7.40
N VAL A 13 -0.07 3.01 -7.17
CA VAL A 13 0.54 2.76 -5.88
C VAL A 13 0.33 3.94 -4.93
N TYR A 14 0.31 3.66 -3.63
CA TYR A 14 0.12 4.69 -2.63
C TYR A 14 1.46 5.20 -2.10
N GLU A 15 2.00 6.21 -2.76
CA GLU A 15 3.28 6.79 -2.36
C GLU A 15 3.17 7.43 -0.98
N CYS A 16 4.18 7.19 -0.14
CA CYS A 16 4.20 7.76 1.21
C CYS A 16 4.76 9.18 1.20
N TYR A 17 4.46 9.93 2.25
CA TYR A 17 4.93 11.30 2.36
C TYR A 17 6.19 11.38 3.22
N ASN A 18 6.28 10.49 4.21
CA ASN A 18 7.43 10.45 5.11
C ASN A 18 7.61 9.06 5.70
N PRO A 19 8.87 8.67 5.93
CA PRO A 19 9.21 7.37 6.50
C PRO A 19 8.80 7.24 7.96
N LYS A 20 8.86 8.36 8.68
CA LYS A 20 8.48 8.37 10.10
C LYS A 20 7.02 8.79 10.26
N GLY A 21 6.22 8.57 9.23
CA GLY A 21 4.82 8.93 9.28
C GLY A 21 3.91 7.72 9.22
N SER A 22 2.94 7.66 10.12
CA SER A 22 2.00 6.55 10.16
C SER A 22 0.86 6.75 9.16
N TYR A 23 1.12 7.54 8.12
CA TYR A 23 0.13 7.82 7.10
C TYR A 23 -0.25 6.55 6.35
N CYS A 24 0.75 5.75 6.01
CA CYS A 24 0.53 4.51 5.29
C CYS A 24 -0.22 3.49 6.16
N ASN A 25 0.20 3.40 7.42
CA ASN A 25 -0.43 2.48 8.36
C ASN A 25 -1.94 2.71 8.43
N ASP A 26 -2.33 3.94 8.75
CA ASP A 26 -3.74 4.29 8.85
C ASP A 26 -4.48 3.95 7.55
N LEU A 27 -3.95 4.43 6.43
CA LEU A 27 -4.55 4.18 5.14
C LEU A 27 -4.66 2.68 4.86
N CYS A 28 -3.63 1.94 5.27
CA CYS A 28 -3.62 0.49 5.06
C CYS A 28 -4.76 -0.18 5.81
N THR A 29 -4.88 0.14 7.10
CA THR A 29 -5.92 -0.43 7.94
C THR A 29 -7.31 -0.02 7.44
N GLU A 30 -7.37 1.11 6.74
CA GLU A 30 -8.64 1.61 6.21
C GLU A 30 -9.26 0.60 5.27
N ASN A 31 -8.44 -0.29 4.71
CA ASN A 31 -8.93 -1.31 3.79
C ASN A 31 -9.00 -2.67 4.48
N GLY A 32 -9.08 -2.66 5.81
CA GLY A 32 -9.15 -3.90 6.56
C GLY A 32 -7.79 -4.50 6.81
N ALA A 33 -6.74 -3.69 6.70
CA ALA A 33 -5.38 -4.16 6.91
C ALA A 33 -5.02 -4.12 8.40
N GLU A 34 -4.18 -5.06 8.82
CA GLU A 34 -3.74 -5.14 10.21
C GLU A 34 -2.74 -4.04 10.52
N SER A 35 -1.95 -3.66 9.53
CA SER A 35 -0.93 -2.62 9.71
C SER A 35 -0.48 -2.06 8.35
N GLY A 36 0.40 -1.08 8.39
CA GLY A 36 0.90 -0.49 7.17
C GLY A 36 2.01 0.53 7.43
N TYR A 37 2.86 0.74 6.43
CA TYR A 37 3.96 1.69 6.55
C TYR A 37 4.56 2.00 5.19
N CYS A 38 5.38 3.05 5.14
CA CYS A 38 6.01 3.45 3.89
C CYS A 38 7.16 2.51 3.53
N GLN A 39 7.05 1.90 2.35
CA GLN A 39 8.07 0.97 1.88
C GLN A 39 8.94 1.61 0.81
N ILE A 40 10.26 1.57 1.02
CA ILE A 40 11.20 2.14 0.07
C ILE A 40 11.72 1.08 -0.91
N LEU A 41 11.81 -0.15 -0.43
CA LEU A 41 12.30 -1.26 -1.25
C LEU A 41 11.21 -1.73 -2.22
N GLY A 42 10.57 -0.78 -2.89
CA GLY A 42 9.52 -1.12 -3.84
C GLY A 42 10.00 -1.06 -5.27
N LYS A 43 9.58 -2.04 -6.08
CA LYS A 43 9.96 -2.09 -7.48
C LYS A 43 9.56 -0.81 -8.21
N TYR A 44 8.55 -0.13 -7.68
CA TYR A 44 8.06 1.11 -8.29
C TYR A 44 8.39 2.30 -7.40
N GLY A 45 9.40 2.16 -6.55
CA GLY A 45 9.79 3.23 -5.66
C GLY A 45 9.12 3.13 -4.30
N ASN A 46 8.67 4.26 -3.79
CA ASN A 46 8.00 4.30 -2.48
C ASN A 46 6.52 4.02 -2.62
N ALA A 47 6.07 2.93 -2.00
CA ALA A 47 4.67 2.54 -2.05
C ALA A 47 4.16 2.12 -0.68
N CYS A 48 2.89 2.39 -0.42
CA CYS A 48 2.28 2.04 0.86
C CYS A 48 2.20 0.52 1.03
N TRP A 49 3.04 -0.01 1.92
CA TRP A 49 3.06 -1.45 2.17
C TRP A 49 2.17 -1.80 3.36
N CYS A 50 1.08 -2.52 3.09
CA CYS A 50 0.15 -2.92 4.14
C CYS A 50 0.47 -4.33 4.63
N ILE A 51 0.32 -4.54 5.93
CA ILE A 51 0.59 -5.84 6.53
C ILE A 51 -0.71 -6.55 6.91
N GLN A 52 -0.80 -7.83 6.57
CA GLN A 52 -1.99 -8.62 6.87
C GLN A 52 -3.20 -8.09 6.13
N LEU A 53 -3.02 -7.80 4.84
CA LEU A 53 -4.11 -7.28 4.01
C LEU A 53 -4.94 -8.42 3.44
N PRO A 54 -6.27 -8.28 3.51
CA PRO A 54 -7.21 -9.28 3.00
C PRO A 54 -7.20 -9.35 1.47
N ASP A 55 -7.42 -10.55 0.95
CA ASP A 55 -7.43 -10.76 -0.50
C ASP A 55 -8.60 -10.02 -1.14
N ASN A 56 -9.45 -9.44 -0.31
CA ASN A 56 -10.61 -8.70 -0.79
C ASN A 56 -10.21 -7.31 -1.28
N VAL A 57 -9.11 -6.78 -0.72
CA VAL A 57 -8.62 -5.47 -1.09
C VAL A 57 -7.66 -5.56 -2.28
N PRO A 58 -7.82 -4.63 -3.23
CA PRO A 58 -6.97 -4.59 -4.43
C PRO A 58 -5.55 -4.15 -4.12
N ILE A 59 -4.58 -4.74 -4.81
CA ILE A 59 -3.18 -4.42 -4.61
C ILE A 59 -2.56 -3.82 -5.86
N ARG A 60 -1.36 -3.28 -5.73
CA ARG A 60 -0.66 -2.66 -6.85
C ARG A 60 -0.09 -3.73 -7.78
N ILE A 61 -0.51 -3.69 -9.05
CA ILE A 61 -0.05 -4.65 -10.03
C ILE A 61 0.86 -3.99 -11.06
N PRO A 62 1.66 -4.81 -11.76
CA PRO A 62 2.59 -4.32 -12.78
C PRO A 62 1.88 -3.81 -14.03
N GLY A 63 1.11 -2.73 -13.85
CA GLY A 63 0.39 -2.15 -14.97
C GLY A 63 0.36 -0.64 -14.92
N LYS A 64 -0.39 -0.03 -15.83
CA LYS A 64 -0.51 1.42 -15.89
C LYS A 64 -1.59 1.93 -14.95
N CYS A 65 -1.42 3.15 -14.45
CA CYS A 65 -2.39 3.74 -13.54
C CYS A 65 -3.39 4.62 -14.29
N HIS A 66 -4.51 4.89 -13.65
CA HIS A 66 -5.56 5.71 -14.26
C HIS A 66 -4.95 6.79 -15.15
N ALA A 1 -3.84 -12.34 7.06
CA ALA A 1 -4.04 -11.95 5.67
C ALA A 1 -2.71 -11.91 4.91
N ARG A 2 -2.72 -11.28 3.74
CA ARG A 2 -1.53 -11.17 2.92
C ARG A 2 -0.76 -9.90 3.25
N ASP A 3 0.32 -9.65 2.50
CA ASP A 3 1.14 -8.47 2.72
C ASP A 3 1.69 -7.94 1.39
N ALA A 4 1.37 -6.68 1.09
CA ALA A 4 1.83 -6.06 -0.14
C ALA A 4 1.46 -4.58 -0.18
N TYR A 5 1.68 -3.95 -1.32
CA TYR A 5 1.37 -2.53 -1.48
C TYR A 5 -0.10 -2.33 -1.86
N ILE A 6 -0.73 -1.34 -1.25
CA ILE A 6 -2.13 -1.05 -1.52
C ILE A 6 -2.30 -0.35 -2.87
N ALA A 7 -3.39 -0.66 -3.56
CA ALA A 7 -3.67 -0.07 -4.85
C ALA A 7 -4.37 1.27 -4.70
N LYS A 8 -4.41 2.04 -5.79
CA LYS A 8 -5.05 3.35 -5.77
C LYS A 8 -5.70 3.65 -7.12
N PRO A 9 -6.57 4.67 -7.14
CA PRO A 9 -7.28 5.09 -8.35
C PRO A 9 -6.34 5.72 -9.38
N HIS A 10 -6.03 4.98 -10.44
CA HIS A 10 -6.56 3.63 -10.61
C HIS A 10 -5.45 2.66 -10.99
N ASN A 11 -5.27 1.62 -10.18
CA ASN A 11 -4.25 0.62 -10.44
C ASN A 11 -2.85 1.18 -10.16
N CYS A 12 -2.80 2.25 -9.37
CA CYS A 12 -1.54 2.89 -9.04
C CYS A 12 -1.17 2.65 -7.58
N VAL A 13 0.05 2.98 -7.21
CA VAL A 13 0.52 2.81 -5.84
C VAL A 13 0.27 4.06 -5.01
N TYR A 14 0.18 3.88 -3.69
CA TYR A 14 -0.06 4.99 -2.78
C TYR A 14 1.25 5.54 -2.24
N GLU A 15 1.85 6.48 -2.98
CA GLU A 15 3.10 7.08 -2.57
C GLU A 15 2.94 7.89 -1.29
N CYS A 16 3.69 7.52 -0.26
CA CYS A 16 3.61 8.19 1.03
C CYS A 16 4.83 9.09 1.23
N TYR A 17 4.79 9.89 2.30
CA TYR A 17 5.89 10.81 2.60
C TYR A 17 6.38 10.60 4.03
N ASN A 18 5.52 10.05 4.87
CA ASN A 18 5.87 9.80 6.27
C ASN A 18 6.10 8.31 6.50
N PRO A 19 7.33 7.85 6.23
CA PRO A 19 7.70 6.44 6.41
C PRO A 19 7.79 6.04 7.88
N LYS A 20 8.02 7.03 8.74
CA LYS A 20 8.12 6.78 10.18
C LYS A 20 6.78 7.02 10.86
N GLY A 21 5.94 7.84 10.23
CA GLY A 21 4.63 8.14 10.80
C GLY A 21 3.62 7.05 10.51
N SER A 22 2.37 7.28 10.90
CA SER A 22 1.31 6.30 10.69
C SER A 22 0.54 6.62 9.41
N TYR A 23 1.20 7.27 8.47
CA TYR A 23 0.59 7.63 7.20
C TYR A 23 0.12 6.39 6.45
N CYS A 24 1.08 5.57 6.01
CA CYS A 24 0.78 4.35 5.29
C CYS A 24 0.08 3.34 6.19
N ASN A 25 0.49 3.29 7.45
CA ASN A 25 -0.10 2.38 8.42
C ASN A 25 -1.61 2.60 8.53
N ASP A 26 -2.00 3.82 8.90
CA ASP A 26 -3.41 4.16 9.04
C ASP A 26 -4.16 3.89 7.74
N LEU A 27 -3.67 4.44 6.65
CA LEU A 27 -4.31 4.26 5.34
C LEU A 27 -4.37 2.79 4.98
N CYS A 28 -3.35 2.04 5.37
CA CYS A 28 -3.29 0.61 5.08
C CYS A 28 -4.42 -0.13 5.79
N THR A 29 -4.44 -0.02 7.12
CA THR A 29 -5.46 -0.69 7.91
C THR A 29 -6.86 -0.16 7.59
N GLU A 30 -6.92 1.09 7.15
CA GLU A 30 -8.19 1.72 6.79
C GLU A 30 -8.93 0.87 5.75
N ASN A 31 -8.19 0.03 5.05
CA ASN A 31 -8.78 -0.83 4.02
C ASN A 31 -8.95 -2.25 4.54
N GLY A 32 -9.00 -2.40 5.85
CA GLY A 32 -9.15 -3.71 6.45
C GLY A 32 -7.83 -4.33 6.85
N ALA A 33 -6.74 -3.75 6.37
CA ALA A 33 -5.40 -4.25 6.68
C ALA A 33 -5.13 -4.19 8.18
N GLU A 34 -4.12 -4.94 8.62
CA GLU A 34 -3.76 -4.97 10.03
C GLU A 34 -2.72 -3.90 10.34
N SER A 35 -1.89 -3.58 9.36
CA SER A 35 -0.85 -2.57 9.53
C SER A 35 -0.33 -2.07 8.18
N GLY A 36 0.62 -1.15 8.22
CA GLY A 36 1.17 -0.60 6.99
C GLY A 36 2.42 0.21 7.24
N TYR A 37 3.21 0.41 6.18
CA TYR A 37 4.44 1.18 6.28
C TYR A 37 4.92 1.63 4.91
N CYS A 38 5.63 2.74 4.87
CA CYS A 38 6.15 3.29 3.63
C CYS A 38 7.43 2.56 3.20
N GLN A 39 7.37 1.94 2.03
CA GLN A 39 8.53 1.21 1.51
C GLN A 39 9.20 1.98 0.38
N ILE A 40 10.39 2.51 0.67
CA ILE A 40 11.14 3.28 -0.32
C ILE A 40 11.91 2.36 -1.27
N LEU A 41 12.41 1.25 -0.72
CA LEU A 41 13.16 0.28 -1.51
C LEU A 41 12.22 -0.60 -2.33
N GLY A 42 11.27 0.03 -3.02
CA GLY A 42 10.33 -0.71 -3.83
C GLY A 42 10.71 -0.73 -5.30
N LYS A 43 9.89 -1.39 -6.11
CA LYS A 43 10.14 -1.47 -7.54
C LYS A 43 9.64 -0.22 -8.26
N TYR A 44 8.63 0.42 -7.68
CA TYR A 44 8.06 1.62 -8.27
C TYR A 44 8.30 2.84 -7.37
N GLY A 45 9.35 2.76 -6.57
CA GLY A 45 9.68 3.85 -5.68
C GLY A 45 9.08 3.68 -4.29
N ASN A 46 8.49 4.74 -3.77
CA ASN A 46 7.88 4.71 -2.44
C ASN A 46 6.40 4.34 -2.53
N ALA A 47 6.06 3.13 -2.09
CA ALA A 47 4.69 2.66 -2.12
C ALA A 47 4.22 2.20 -0.74
N CYS A 48 2.99 2.52 -0.40
CA CYS A 48 2.43 2.14 0.89
C CYS A 48 2.29 0.62 1.00
N TRP A 49 3.11 0.03 1.87
CA TRP A 49 3.07 -1.43 2.07
C TRP A 49 2.18 -1.79 3.25
N CYS A 50 1.08 -2.49 2.97
CA CYS A 50 0.14 -2.91 3.99
C CYS A 50 0.42 -4.35 4.44
N ILE A 51 0.25 -4.61 5.73
CA ILE A 51 0.48 -5.93 6.27
C ILE A 51 -0.83 -6.58 6.72
N GLN A 52 -1.00 -7.86 6.42
CA GLN A 52 -2.21 -8.59 6.79
C GLN A 52 -3.42 -8.02 6.08
N LEU A 53 -3.26 -7.71 4.79
CA LEU A 53 -4.35 -7.16 3.99
C LEU A 53 -5.22 -8.28 3.42
N PRO A 54 -6.54 -8.09 3.48
CA PRO A 54 -7.51 -9.07 2.97
C PRO A 54 -7.50 -9.14 1.45
N ASP A 55 -7.77 -10.33 0.92
CA ASP A 55 -7.79 -10.55 -0.53
C ASP A 55 -8.93 -9.75 -1.17
N ASN A 56 -9.74 -9.11 -0.34
CA ASN A 56 -10.86 -8.32 -0.82
C ASN A 56 -10.40 -6.94 -1.30
N VAL A 57 -9.32 -6.44 -0.69
CA VAL A 57 -8.77 -5.15 -1.06
C VAL A 57 -7.78 -5.27 -2.20
N PRO A 58 -7.88 -4.35 -3.17
CA PRO A 58 -7.00 -4.33 -4.35
C PRO A 58 -5.57 -3.95 -4.00
N ILE A 59 -4.61 -4.61 -4.64
CA ILE A 59 -3.20 -4.32 -4.39
C ILE A 59 -2.51 -3.83 -5.66
N ARG A 60 -1.39 -3.12 -5.48
CA ARG A 60 -0.64 -2.57 -6.60
C ARG A 60 0.01 -3.70 -7.40
N ILE A 61 -0.38 -3.83 -8.67
CA ILE A 61 0.17 -4.86 -9.54
C ILE A 61 0.78 -4.25 -10.79
N PRO A 62 1.65 -5.02 -11.46
CA PRO A 62 2.32 -4.57 -12.69
C PRO A 62 1.36 -4.46 -13.87
N GLY A 63 0.52 -3.44 -13.85
CA GLY A 63 -0.44 -3.24 -14.92
C GLY A 63 -0.50 -1.79 -15.38
N LYS A 64 -1.42 -1.51 -16.30
CA LYS A 64 -1.59 -0.16 -16.82
C LYS A 64 -2.49 0.67 -15.92
N CYS A 65 -1.92 1.71 -15.31
CA CYS A 65 -2.67 2.59 -14.42
C CYS A 65 -3.21 3.80 -15.17
N HIS A 66 -4.23 4.43 -14.60
CA HIS A 66 -4.85 5.61 -15.23
C HIS A 66 -5.05 5.39 -16.72
N ALA A 1 -5.29 -12.87 4.44
CA ALA A 1 -4.64 -11.60 4.11
C ALA A 1 -3.15 -11.80 3.83
N ARG A 2 -2.52 -10.78 3.27
CA ARG A 2 -1.10 -10.84 2.94
C ARG A 2 -0.49 -9.44 2.96
N ASP A 3 0.84 -9.39 2.85
CA ASP A 3 1.56 -8.12 2.86
C ASP A 3 1.92 -7.69 1.43
N ALA A 4 1.60 -6.45 1.09
CA ALA A 4 1.88 -5.92 -0.23
C ALA A 4 1.55 -4.43 -0.31
N TYR A 5 1.75 -3.85 -1.48
CA TYR A 5 1.47 -2.44 -1.70
C TYR A 5 0.00 -2.22 -2.04
N ILE A 6 -0.61 -1.22 -1.42
CA ILE A 6 -2.02 -0.90 -1.65
C ILE A 6 -2.21 -0.27 -3.03
N ALA A 7 -3.20 -0.76 -3.76
CA ALA A 7 -3.49 -0.24 -5.09
C ALA A 7 -4.54 0.86 -5.03
N LYS A 8 -4.38 1.87 -5.87
CA LYS A 8 -5.31 3.00 -5.92
C LYS A 8 -6.04 3.04 -7.26
N PRO A 9 -7.11 3.86 -7.32
CA PRO A 9 -7.91 4.02 -8.54
C PRO A 9 -7.16 4.75 -9.64
N HIS A 10 -6.70 4.00 -10.63
CA HIS A 10 -6.90 2.55 -10.66
C HIS A 10 -5.58 1.82 -10.91
N ASN A 11 -5.30 0.83 -10.07
CA ASN A 11 -4.07 0.06 -10.20
C ASN A 11 -2.84 0.96 -10.11
N CYS A 12 -2.70 1.64 -8.97
CA CYS A 12 -1.58 2.54 -8.75
C CYS A 12 -1.06 2.42 -7.32
N VAL A 13 0.20 2.79 -7.12
CA VAL A 13 0.81 2.72 -5.80
C VAL A 13 0.50 3.97 -4.99
N TYR A 14 0.39 3.81 -3.68
CA TYR A 14 0.10 4.93 -2.79
C TYR A 14 1.38 5.53 -2.22
N GLU A 15 1.81 6.65 -2.79
CA GLU A 15 3.02 7.32 -2.35
C GLU A 15 2.87 7.83 -0.92
N CYS A 16 3.79 7.43 -0.05
CA CYS A 16 3.75 7.85 1.35
C CYS A 16 4.76 8.97 1.61
N TYR A 17 4.33 9.99 2.35
CA TYR A 17 5.20 11.12 2.66
C TYR A 17 5.45 11.19 4.16
N ASN A 18 5.33 10.06 4.84
CA ASN A 18 5.55 9.99 6.28
C ASN A 18 6.02 8.60 6.70
N PRO A 19 7.28 8.28 6.40
CA PRO A 19 7.88 6.99 6.73
C PRO A 19 8.10 6.82 8.23
N LYS A 20 8.13 7.94 8.95
CA LYS A 20 8.33 7.92 10.39
C LYS A 20 6.99 7.93 11.12
N GLY A 21 5.96 8.45 10.47
CA GLY A 21 4.64 8.51 11.06
C GLY A 21 3.79 7.31 10.72
N SER A 22 2.54 7.31 11.18
CA SER A 22 1.62 6.21 10.91
C SER A 22 0.74 6.52 9.70
N TYR A 23 1.25 7.37 8.81
CA TYR A 23 0.51 7.75 7.61
C TYR A 23 0.10 6.52 6.82
N CYS A 24 1.08 5.85 6.22
CA CYS A 24 0.82 4.66 5.42
C CYS A 24 0.09 3.61 6.25
N ASN A 25 0.45 3.52 7.53
CA ASN A 25 -0.17 2.54 8.42
C ASN A 25 -1.68 2.74 8.48
N ASP A 26 -2.10 3.96 8.82
CA ASP A 26 -3.52 4.29 8.91
C ASP A 26 -4.23 4.00 7.59
N LEU A 27 -3.69 4.56 6.51
CA LEU A 27 -4.27 4.38 5.18
C LEU A 27 -4.30 2.90 4.81
N CYS A 28 -3.27 2.16 5.20
CA CYS A 28 -3.18 0.74 4.90
C CYS A 28 -4.28 -0.03 5.62
N THR A 29 -4.34 0.14 6.94
CA THR A 29 -5.35 -0.54 7.75
C THR A 29 -6.75 -0.12 7.36
N GLU A 30 -6.88 1.11 6.86
CA GLU A 30 -8.18 1.64 6.45
C GLU A 30 -8.84 0.71 5.42
N ASN A 31 -8.03 -0.14 4.80
CA ASN A 31 -8.53 -1.08 3.80
C ASN A 31 -8.68 -2.48 4.39
N GLY A 32 -8.78 -2.54 5.72
CA GLY A 32 -8.92 -3.82 6.39
C GLY A 32 -7.60 -4.38 6.87
N ALA A 33 -6.50 -3.79 6.41
CA ALA A 33 -5.17 -4.23 6.79
C ALA A 33 -4.96 -4.08 8.29
N GLU A 34 -4.06 -4.89 8.85
CA GLU A 34 -3.77 -4.85 10.27
C GLU A 34 -2.71 -3.79 10.58
N SER A 35 -1.88 -3.49 9.58
CA SER A 35 -0.82 -2.50 9.74
C SER A 35 -0.33 -2.00 8.38
N GLY A 36 0.61 -1.06 8.40
CA GLY A 36 1.15 -0.52 7.17
C GLY A 36 2.28 0.46 7.41
N TYR A 37 3.11 0.66 6.40
CA TYR A 37 4.25 1.57 6.50
C TYR A 37 4.81 1.91 5.13
N CYS A 38 5.65 2.93 5.08
CA CYS A 38 6.27 3.36 3.82
C CYS A 38 7.36 2.39 3.40
N GLN A 39 7.25 1.86 2.18
CA GLN A 39 8.24 0.92 1.66
C GLN A 39 9.12 1.59 0.62
N ILE A 40 10.41 1.65 0.90
CA ILE A 40 11.37 2.27 -0.01
C ILE A 40 11.90 1.25 -1.02
N LEU A 41 11.95 -0.01 -0.62
CA LEU A 41 12.43 -1.08 -1.48
C LEU A 41 11.32 -1.56 -2.42
N GLY A 42 10.52 -0.62 -2.92
CA GLY A 42 9.44 -0.97 -3.82
C GLY A 42 9.88 -0.99 -5.27
N LYS A 43 9.39 -1.99 -6.01
CA LYS A 43 9.74 -2.13 -7.41
C LYS A 43 9.46 -0.84 -8.18
N TYR A 44 8.52 -0.05 -7.66
CA TYR A 44 8.16 1.21 -8.29
C TYR A 44 8.55 2.40 -7.42
N GLY A 45 9.54 2.18 -6.56
CA GLY A 45 9.99 3.25 -5.67
C GLY A 45 9.31 3.20 -4.32
N ASN A 46 8.92 4.36 -3.81
CA ASN A 46 8.26 4.44 -2.50
C ASN A 46 6.77 4.22 -2.65
N ALA A 47 6.29 3.10 -2.12
CA ALA A 47 4.87 2.76 -2.18
C ALA A 47 4.34 2.36 -0.80
N CYS A 48 3.09 2.70 -0.53
CA CYS A 48 2.47 2.37 0.74
C CYS A 48 2.32 0.87 0.90
N TRP A 49 3.08 0.29 1.81
CA TRP A 49 3.04 -1.15 2.06
C TRP A 49 2.10 -1.47 3.22
N CYS A 50 1.16 -2.38 2.98
CA CYS A 50 0.20 -2.77 4.02
C CYS A 50 0.49 -4.18 4.51
N ILE A 51 0.34 -4.38 5.82
CA ILE A 51 0.59 -5.70 6.42
C ILE A 51 -0.71 -6.35 6.84
N GLN A 52 -0.88 -7.62 6.45
CA GLN A 52 -2.08 -8.37 6.79
C GLN A 52 -3.30 -7.80 6.06
N LEU A 53 -3.12 -7.49 4.78
CA LEU A 53 -4.21 -6.93 3.98
C LEU A 53 -5.06 -8.05 3.38
N PRO A 54 -6.40 -7.87 3.45
CA PRO A 54 -7.34 -8.84 2.92
C PRO A 54 -7.33 -8.90 1.40
N ASP A 55 -7.56 -10.09 0.85
CA ASP A 55 -7.57 -10.28 -0.59
C ASP A 55 -8.68 -9.46 -1.24
N ASN A 56 -9.54 -8.87 -0.41
CA ASN A 56 -10.65 -8.06 -0.89
C ASN A 56 -10.15 -6.70 -1.38
N VAL A 57 -9.01 -6.28 -0.85
CA VAL A 57 -8.42 -4.99 -1.23
C VAL A 57 -7.47 -5.15 -2.41
N PRO A 58 -7.56 -4.23 -3.37
CA PRO A 58 -6.72 -4.24 -4.57
C PRO A 58 -5.26 -3.91 -4.26
N ILE A 59 -4.34 -4.51 -5.00
CA ILE A 59 -2.92 -4.28 -4.80
C ILE A 59 -2.25 -3.80 -6.08
N ARG A 60 -1.10 -3.17 -5.96
CA ARG A 60 -0.36 -2.67 -7.10
C ARG A 60 0.10 -3.81 -8.00
N ILE A 61 -0.49 -3.91 -9.18
CA ILE A 61 -0.13 -4.96 -10.13
C ILE A 61 0.61 -4.39 -11.34
N PRO A 62 1.30 -5.27 -12.07
CA PRO A 62 2.07 -4.88 -13.26
C PRO A 62 1.16 -4.48 -14.43
N GLY A 63 0.49 -3.34 -14.28
CA GLY A 63 -0.40 -2.87 -15.32
C GLY A 63 -0.39 -1.35 -15.44
N LYS A 64 -1.30 -0.82 -16.26
CA LYS A 64 -1.40 0.62 -16.46
C LYS A 64 -2.28 1.26 -15.39
N CYS A 65 -1.77 2.33 -14.79
CA CYS A 65 -2.51 3.04 -13.74
C CYS A 65 -3.36 4.16 -14.34
N HIS A 66 -4.56 4.32 -13.80
CA HIS A 66 -5.47 5.34 -14.28
C HIS A 66 -6.46 5.75 -13.18
N ALA A 1 -4.39 -13.25 5.58
CA ALA A 1 -4.10 -12.19 4.62
C ALA A 1 -2.64 -12.23 4.17
N ARG A 2 -2.27 -11.28 3.32
CA ARG A 2 -0.90 -11.21 2.81
C ARG A 2 -0.39 -9.77 2.82
N ASP A 3 0.92 -9.61 2.84
CA ASP A 3 1.54 -8.28 2.84
C ASP A 3 1.84 -7.83 1.42
N ALA A 4 1.49 -6.59 1.11
CA ALA A 4 1.74 -6.03 -0.22
C ALA A 4 1.37 -4.55 -0.26
N TYR A 5 1.54 -3.94 -1.43
CA TYR A 5 1.23 -2.53 -1.60
C TYR A 5 -0.24 -2.32 -1.92
N ILE A 6 -0.84 -1.32 -1.28
CA ILE A 6 -2.26 -1.02 -1.49
C ILE A 6 -2.47 -0.32 -2.82
N ALA A 7 -3.50 -0.76 -3.56
CA ALA A 7 -3.81 -0.17 -4.84
C ALA A 7 -4.70 1.06 -4.69
N LYS A 8 -4.59 1.99 -5.63
CA LYS A 8 -5.37 3.22 -5.59
C LYS A 8 -5.98 3.51 -6.96
N PRO A 9 -6.94 4.45 -6.99
CA PRO A 9 -7.63 4.85 -8.23
C PRO A 9 -6.71 5.61 -9.18
N HIS A 10 -6.28 4.94 -10.25
CA HIS A 10 -6.66 3.55 -10.48
C HIS A 10 -5.44 2.70 -10.81
N ASN A 11 -5.30 1.58 -10.10
CA ASN A 11 -4.18 0.67 -10.31
C ASN A 11 -2.85 1.39 -10.08
N CYS A 12 -2.79 2.16 -9.00
CA CYS A 12 -1.58 2.90 -8.66
C CYS A 12 -1.19 2.66 -7.20
N VAL A 13 0.09 2.88 -6.90
CA VAL A 13 0.59 2.69 -5.53
C VAL A 13 0.38 3.95 -4.70
N TYR A 14 0.32 3.77 -3.38
CA TYR A 14 0.13 4.88 -2.47
C TYR A 14 1.46 5.40 -1.94
N GLU A 15 1.98 6.43 -2.60
CA GLU A 15 3.26 7.02 -2.20
C GLU A 15 3.16 7.64 -0.81
N CYS A 16 4.15 7.37 0.02
CA CYS A 16 4.18 7.90 1.38
C CYS A 16 4.78 9.30 1.40
N TYR A 17 4.49 10.05 2.46
CA TYR A 17 5.02 11.40 2.60
C TYR A 17 6.29 11.42 3.44
N ASN A 18 6.37 10.50 4.40
CA ASN A 18 7.53 10.41 5.28
C ASN A 18 7.67 9.00 5.84
N PRO A 19 8.93 8.57 6.05
CA PRO A 19 9.23 7.24 6.57
C PRO A 19 8.83 7.10 8.04
N LYS A 20 8.91 8.20 8.78
CA LYS A 20 8.55 8.19 10.20
C LYS A 20 7.10 8.61 10.39
N GLY A 21 6.28 8.42 9.36
CA GLY A 21 4.88 8.78 9.44
C GLY A 21 3.97 7.58 9.35
N SER A 22 2.99 7.52 10.27
CA SER A 22 2.05 6.40 10.30
C SER A 22 0.91 6.63 9.30
N TYR A 23 1.17 7.42 8.28
CA TYR A 23 0.17 7.73 7.26
C TYR A 23 -0.21 6.46 6.49
N CYS A 24 0.79 5.64 6.17
CA CYS A 24 0.56 4.41 5.43
C CYS A 24 -0.20 3.39 6.29
N ASN A 25 0.22 3.28 7.55
CA ASN A 25 -0.41 2.35 8.48
C ASN A 25 -1.92 2.59 8.56
N ASP A 26 -2.29 3.82 8.90
CA ASP A 26 -3.69 4.19 9.01
C ASP A 26 -4.44 3.89 7.72
N LEU A 27 -3.91 4.40 6.61
CA LEU A 27 -4.52 4.19 5.30
C LEU A 27 -4.64 2.72 4.99
N CYS A 28 -3.64 1.94 5.39
CA CYS A 28 -3.63 0.50 5.16
C CYS A 28 -4.78 -0.18 5.88
N THR A 29 -4.90 0.10 7.18
CA THR A 29 -5.96 -0.48 8.00
C THR A 29 -7.33 -0.04 7.51
N GLU A 30 -7.38 1.12 6.85
CA GLU A 30 -8.64 1.65 6.34
C GLU A 30 -9.28 0.68 5.35
N ASN A 31 -8.47 -0.19 4.76
CA ASN A 31 -8.95 -1.17 3.80
C ASN A 31 -9.03 -2.56 4.44
N GLY A 32 -9.11 -2.60 5.76
CA GLY A 32 -9.19 -3.86 6.46
C GLY A 32 -7.83 -4.49 6.68
N ALA A 33 -6.79 -3.68 6.58
CA ALA A 33 -5.42 -4.17 6.77
C ALA A 33 -5.05 -4.21 8.25
N GLU A 34 -4.18 -5.15 8.62
CA GLU A 34 -3.74 -5.28 9.99
C GLU A 34 -2.74 -4.18 10.36
N SER A 35 -1.92 -3.79 9.39
CA SER A 35 -0.93 -2.75 9.61
C SER A 35 -0.44 -2.18 8.28
N GLY A 36 0.46 -1.19 8.36
CA GLY A 36 0.99 -0.58 7.15
C GLY A 36 2.17 0.33 7.44
N TYR A 37 2.97 0.60 6.41
CA TYR A 37 4.13 1.45 6.56
C TYR A 37 4.64 1.93 5.20
N CYS A 38 5.42 3.00 5.21
CA CYS A 38 5.97 3.56 3.99
C CYS A 38 7.11 2.68 3.45
N GLN A 39 6.88 2.05 2.30
CA GLN A 39 7.88 1.20 1.69
C GLN A 39 8.78 1.99 0.74
N ILE A 40 10.08 1.94 0.99
CA ILE A 40 11.04 2.66 0.16
C ILE A 40 11.58 1.75 -0.95
N LEU A 41 12.05 0.58 -0.57
CA LEU A 41 12.59 -0.38 -1.53
C LEU A 41 11.48 -1.05 -2.33
N GLY A 42 10.67 -0.25 -2.99
CA GLY A 42 9.56 -0.79 -3.78
C GLY A 42 9.90 -0.87 -5.26
N LYS A 43 9.41 -1.90 -5.92
CA LYS A 43 9.64 -2.09 -7.34
C LYS A 43 9.25 -0.86 -8.14
N TYR A 44 8.31 -0.08 -7.59
CA TYR A 44 7.84 1.12 -8.25
C TYR A 44 8.19 2.37 -7.43
N GLY A 45 9.22 2.24 -6.59
CA GLY A 45 9.64 3.35 -5.76
C GLY A 45 9.00 3.32 -4.38
N ASN A 46 8.47 4.46 -3.95
CA ASN A 46 7.84 4.56 -2.65
C ASN A 46 6.34 4.27 -2.75
N ALA A 47 5.91 3.21 -2.07
CA ALA A 47 4.50 2.81 -2.08
C ALA A 47 4.06 2.34 -0.71
N CYS A 48 2.80 2.61 -0.37
CA CYS A 48 2.25 2.20 0.92
C CYS A 48 2.14 0.68 1.01
N TRP A 49 2.99 0.09 1.84
CA TRP A 49 2.99 -1.36 2.02
C TRP A 49 2.14 -1.76 3.22
N CYS A 50 1.04 -2.46 2.97
CA CYS A 50 0.14 -2.90 4.02
C CYS A 50 0.47 -4.32 4.46
N ILE A 51 0.36 -4.57 5.76
CA ILE A 51 0.64 -5.90 6.31
C ILE A 51 -0.64 -6.63 6.69
N GLN A 52 -0.73 -7.89 6.30
CA GLN A 52 -1.91 -8.71 6.59
C GLN A 52 -3.14 -8.15 5.88
N LEU A 53 -2.99 -7.81 4.61
CA LEU A 53 -4.09 -7.27 3.82
C LEU A 53 -4.93 -8.39 3.23
N PRO A 54 -6.26 -8.26 3.35
CA PRO A 54 -7.21 -9.24 2.82
C PRO A 54 -7.24 -9.27 1.30
N ASP A 55 -7.47 -10.44 0.73
CA ASP A 55 -7.54 -10.60 -0.72
C ASP A 55 -8.70 -9.81 -1.30
N ASN A 56 -9.52 -9.25 -0.42
CA ASN A 56 -10.68 -8.46 -0.85
C ASN A 56 -10.25 -7.06 -1.30
N VAL A 57 -9.12 -6.60 -0.78
CA VAL A 57 -8.61 -5.28 -1.14
C VAL A 57 -7.66 -5.36 -2.34
N PRO A 58 -7.83 -4.42 -3.27
CA PRO A 58 -6.99 -4.37 -4.49
C PRO A 58 -5.55 -3.96 -4.19
N ILE A 59 -4.61 -4.66 -4.82
CA ILE A 59 -3.19 -4.38 -4.61
C ILE A 59 -2.54 -3.90 -5.91
N ARG A 60 -1.36 -3.31 -5.78
CA ARG A 60 -0.63 -2.81 -6.94
C ARG A 60 -0.21 -3.96 -7.86
N ILE A 61 -0.88 -4.08 -9.00
CA ILE A 61 -0.57 -5.13 -9.96
C ILE A 61 0.38 -4.63 -11.03
N PRO A 62 1.05 -5.57 -11.72
CA PRO A 62 1.99 -5.25 -12.79
C PRO A 62 1.30 -4.69 -14.03
N GLY A 63 0.72 -3.50 -13.90
CA GLY A 63 0.03 -2.88 -15.01
C GLY A 63 0.18 -1.38 -15.01
N LYS A 64 -0.53 -0.71 -15.93
CA LYS A 64 -0.47 0.74 -16.03
C LYS A 64 -1.46 1.39 -15.07
N CYS A 65 -1.10 2.56 -14.56
CA CYS A 65 -1.95 3.29 -13.64
C CYS A 65 -2.83 4.30 -14.37
N HIS A 66 -3.92 4.72 -13.74
CA HIS A 66 -4.84 5.68 -14.33
C HIS A 66 -5.04 5.39 -15.81
N ALA A 1 -4.51 -13.30 5.40
CA ALA A 1 -4.15 -12.12 4.62
C ALA A 1 -2.71 -12.22 4.12
N ARG A 2 -2.22 -11.14 3.52
CA ARG A 2 -0.86 -11.09 3.00
C ARG A 2 -0.32 -9.67 2.98
N ASP A 3 0.99 -9.54 3.13
CA ASP A 3 1.63 -8.23 3.13
C ASP A 3 2.01 -7.80 1.71
N ALA A 4 1.68 -6.58 1.35
CA ALA A 4 1.99 -6.05 0.02
C ALA A 4 1.60 -4.58 -0.09
N TYR A 5 1.83 -4.01 -1.27
CA TYR A 5 1.52 -2.61 -1.50
C TYR A 5 0.05 -2.44 -1.90
N ILE A 6 -0.63 -1.50 -1.26
CA ILE A 6 -2.03 -1.23 -1.53
C ILE A 6 -2.20 -0.49 -2.85
N ALA A 7 -3.29 -0.77 -3.56
CA ALA A 7 -3.57 -0.13 -4.83
C ALA A 7 -4.27 1.21 -4.63
N LYS A 8 -4.28 2.04 -5.67
CA LYS A 8 -4.92 3.35 -5.61
C LYS A 8 -5.55 3.71 -6.95
N PRO A 9 -6.36 4.78 -6.94
CA PRO A 9 -7.04 5.26 -8.15
C PRO A 9 -6.08 5.87 -9.15
N HIS A 10 -5.80 5.13 -10.22
CA HIS A 10 -6.38 3.81 -10.42
C HIS A 10 -5.31 2.79 -10.78
N ASN A 11 -5.20 1.73 -10.00
CA ASN A 11 -4.22 0.68 -10.24
C ASN A 11 -2.80 1.19 -9.97
N CYS A 12 -2.70 2.26 -9.18
CA CYS A 12 -1.42 2.84 -8.85
C CYS A 12 -1.05 2.55 -7.39
N VAL A 13 0.18 2.89 -7.02
CA VAL A 13 0.66 2.67 -5.65
C VAL A 13 0.42 3.91 -4.79
N TYR A 14 0.33 3.70 -3.48
CA TYR A 14 0.11 4.79 -2.54
C TYR A 14 1.43 5.31 -1.99
N GLU A 15 1.94 6.38 -2.61
CA GLU A 15 3.20 6.98 -2.19
C GLU A 15 3.08 7.56 -0.78
N CYS A 16 4.10 7.33 0.04
CA CYS A 16 4.11 7.84 1.41
C CYS A 16 4.61 9.27 1.45
N TYR A 17 4.27 9.98 2.52
CA TYR A 17 4.68 11.38 2.69
C TYR A 17 5.94 11.46 3.54
N ASN A 18 6.06 10.55 4.50
CA ASN A 18 7.22 10.53 5.39
C ASN A 18 7.45 9.13 5.94
N PRO A 19 8.73 8.78 6.16
CA PRO A 19 9.12 7.47 6.69
C PRO A 19 8.72 7.30 8.16
N LYS A 20 8.75 8.39 8.92
CA LYS A 20 8.40 8.36 10.32
C LYS A 20 6.93 8.76 10.51
N GLY A 21 6.13 8.55 9.48
CA GLY A 21 4.72 8.90 9.55
C GLY A 21 3.82 7.67 9.43
N SER A 22 2.82 7.59 10.29
CA SER A 22 1.88 6.47 10.27
C SER A 22 0.80 6.67 9.22
N TYR A 23 1.10 7.48 8.22
CA TYR A 23 0.15 7.77 7.14
C TYR A 23 -0.26 6.49 6.42
N CYS A 24 0.74 5.73 5.97
CA CYS A 24 0.49 4.49 5.27
C CYS A 24 -0.25 3.48 6.15
N ASN A 25 0.14 3.42 7.42
CA ASN A 25 -0.48 2.51 8.37
C ASN A 25 -1.99 2.72 8.41
N ASP A 26 -2.40 3.94 8.73
CA ASP A 26 -3.82 4.27 8.81
C ASP A 26 -4.53 3.93 7.50
N LEU A 27 -4.01 4.45 6.40
CA LEU A 27 -4.59 4.20 5.08
C LEU A 27 -4.66 2.70 4.79
N CYS A 28 -3.65 1.97 5.23
CA CYS A 28 -3.60 0.52 5.03
C CYS A 28 -4.75 -0.16 5.76
N THR A 29 -4.87 0.13 7.05
CA THR A 29 -5.93 -0.46 7.87
C THR A 29 -7.31 -0.07 7.36
N GLU A 30 -7.38 1.07 6.67
CA GLU A 30 -8.64 1.57 6.13
C GLU A 30 -9.25 0.54 5.17
N ASN A 31 -8.42 -0.34 4.64
CA ASN A 31 -8.87 -1.37 3.71
C ASN A 31 -8.96 -2.73 4.39
N GLY A 32 -9.06 -2.71 5.72
CA GLY A 32 -9.15 -3.94 6.48
C GLY A 32 -7.79 -4.55 6.75
N ALA A 33 -6.74 -3.73 6.65
CA ALA A 33 -5.38 -4.20 6.89
C ALA A 33 -5.03 -4.13 8.37
N GLU A 34 -4.18 -5.05 8.81
CA GLU A 34 -3.77 -5.11 10.21
C GLU A 34 -2.78 -3.98 10.52
N SER A 35 -1.99 -3.60 9.54
CA SER A 35 -1.00 -2.53 9.71
C SER A 35 -0.54 -2.00 8.36
N GLY A 36 0.34 -1.01 8.41
CA GLY A 36 0.86 -0.42 7.19
C GLY A 36 1.94 0.61 7.44
N TYR A 37 2.82 0.80 6.46
CA TYR A 37 3.91 1.75 6.59
C TYR A 37 4.53 2.06 5.23
N CYS A 38 5.36 3.10 5.19
CA CYS A 38 6.01 3.50 3.95
C CYS A 38 7.16 2.54 3.60
N GLN A 39 7.05 1.91 2.44
CA GLN A 39 8.07 0.97 1.99
C GLN A 39 8.93 1.58 0.89
N ILE A 40 10.24 1.49 1.05
CA ILE A 40 11.17 2.03 0.07
C ILE A 40 11.63 0.96 -0.91
N LEU A 41 11.75 -0.27 -0.43
CA LEU A 41 12.17 -1.39 -1.25
C LEU A 41 11.03 -1.85 -2.17
N GLY A 42 10.42 -0.90 -2.85
CA GLY A 42 9.32 -1.22 -3.76
C GLY A 42 9.75 -1.22 -5.21
N LYS A 43 9.25 -2.19 -5.97
CA LYS A 43 9.59 -2.30 -7.39
C LYS A 43 9.30 -0.99 -8.12
N TYR A 44 8.38 -0.22 -7.57
CA TYR A 44 8.01 1.06 -8.18
C TYR A 44 8.43 2.23 -7.29
N GLY A 45 9.44 1.99 -6.46
CA GLY A 45 9.93 3.04 -5.57
C GLY A 45 9.27 2.98 -4.21
N ASN A 46 8.77 4.12 -3.75
CA ASN A 46 8.12 4.20 -2.44
C ASN A 46 6.61 4.01 -2.58
N ALA A 47 6.10 2.97 -1.93
CA ALA A 47 4.67 2.67 -1.97
C ALA A 47 4.16 2.23 -0.60
N CYS A 48 2.89 2.51 -0.33
CA CYS A 48 2.28 2.15 0.94
C CYS A 48 2.20 0.64 1.10
N TRP A 49 3.01 0.09 1.99
CA TRP A 49 3.03 -1.35 2.23
C TRP A 49 2.12 -1.72 3.41
N CYS A 50 1.07 -2.47 3.12
CA CYS A 50 0.13 -2.89 4.16
C CYS A 50 0.48 -4.29 4.67
N ILE A 51 0.31 -4.49 5.97
CA ILE A 51 0.60 -5.78 6.59
C ILE A 51 -0.68 -6.51 6.96
N GLN A 52 -0.76 -7.79 6.62
CA GLN A 52 -1.93 -8.60 6.92
C GLN A 52 -3.16 -8.09 6.18
N LEU A 53 -2.97 -7.76 4.91
CA LEU A 53 -4.05 -7.25 4.07
C LEU A 53 -4.84 -8.40 3.46
N PRO A 54 -6.18 -8.28 3.47
CA PRO A 54 -7.07 -9.30 2.91
C PRO A 54 -7.00 -9.37 1.39
N ASP A 55 -7.15 -10.57 0.84
CA ASP A 55 -7.10 -10.76 -0.60
C ASP A 55 -8.26 -10.06 -1.29
N ASN A 56 -9.16 -9.49 -0.49
CA ASN A 56 -10.33 -8.79 -1.01
C ASN A 56 -9.94 -7.39 -1.49
N VAL A 57 -8.90 -6.82 -0.88
CA VAL A 57 -8.44 -5.49 -1.25
C VAL A 57 -7.44 -5.56 -2.40
N PRO A 58 -7.60 -4.65 -3.38
CA PRO A 58 -6.72 -4.58 -4.55
C PRO A 58 -5.31 -4.11 -4.18
N ILE A 59 -4.32 -4.65 -4.89
CA ILE A 59 -2.93 -4.28 -4.65
C ILE A 59 -2.28 -3.74 -5.91
N ARG A 60 -1.10 -3.13 -5.77
CA ARG A 60 -0.38 -2.58 -6.90
C ARG A 60 0.09 -3.69 -7.84
N ILE A 61 -0.22 -3.53 -9.12
CA ILE A 61 0.16 -4.52 -10.12
C ILE A 61 0.66 -3.85 -11.40
N PRO A 62 1.49 -4.56 -12.16
CA PRO A 62 2.04 -4.06 -13.42
C PRO A 62 0.99 -3.94 -14.52
N GLY A 63 0.15 -2.91 -14.40
CA GLY A 63 -0.90 -2.70 -15.39
C GLY A 63 -1.11 -1.24 -15.71
N LYS A 64 -2.08 -0.95 -16.57
CA LYS A 64 -2.38 0.42 -16.95
C LYS A 64 -3.12 1.16 -15.84
N CYS A 65 -2.44 2.13 -15.23
CA CYS A 65 -3.03 2.91 -14.16
C CYS A 65 -3.65 4.19 -14.68
N HIS A 66 -4.50 4.82 -13.87
CA HIS A 66 -5.16 6.06 -14.26
C HIS A 66 -4.27 6.88 -15.20
N ALA A 1 -5.18 -13.30 5.59
CA ALA A 1 -4.72 -12.14 4.84
C ALA A 1 -3.23 -12.24 4.53
N ARG A 2 -2.69 -11.24 3.86
CA ARG A 2 -1.28 -11.21 3.50
C ARG A 2 -0.75 -9.79 3.44
N ASP A 3 0.54 -9.65 3.18
CA ASP A 3 1.18 -8.34 3.09
C ASP A 3 1.50 -7.98 1.65
N ALA A 4 1.29 -6.71 1.29
CA ALA A 4 1.57 -6.25 -0.06
C ALA A 4 1.43 -4.74 -0.16
N TYR A 5 1.60 -4.20 -1.36
CA TYR A 5 1.50 -2.77 -1.59
C TYR A 5 0.08 -2.38 -1.99
N ILE A 6 -0.51 -1.45 -1.25
CA ILE A 6 -1.87 -0.99 -1.52
C ILE A 6 -1.88 -0.06 -2.74
N ALA A 7 -2.85 -0.27 -3.62
CA ALA A 7 -2.99 0.55 -4.81
C ALA A 7 -4.44 0.96 -5.05
N LYS A 8 -4.65 2.20 -5.48
CA LYS A 8 -5.99 2.70 -5.74
C LYS A 8 -6.30 2.69 -7.23
N PRO A 9 -7.60 2.74 -7.57
CA PRO A 9 -8.05 2.74 -8.96
C PRO A 9 -7.71 4.03 -9.70
N HIS A 10 -7.38 3.91 -10.98
CA HIS A 10 -7.37 2.62 -11.65
C HIS A 10 -5.94 2.11 -11.79
N ASN A 11 -5.54 1.21 -10.90
CA ASN A 11 -4.19 0.65 -10.93
C ASN A 11 -3.15 1.72 -10.66
N CYS A 12 -3.06 2.12 -9.39
CA CYS A 12 -2.09 3.15 -8.99
C CYS A 12 -1.48 2.82 -7.63
N VAL A 13 -0.20 3.15 -7.46
CA VAL A 13 0.49 2.90 -6.21
C VAL A 13 0.23 4.01 -5.20
N TYR A 14 0.37 3.68 -3.92
CA TYR A 14 0.15 4.64 -2.85
C TYR A 14 1.47 5.13 -2.27
N GLU A 15 2.02 6.17 -2.86
CA GLU A 15 3.30 6.73 -2.40
C GLU A 15 3.16 7.28 -0.98
N CYS A 16 4.15 6.99 -0.14
CA CYS A 16 4.15 7.46 1.24
C CYS A 16 4.71 8.87 1.34
N TYR A 17 3.98 9.74 2.03
CA TYR A 17 4.40 11.13 2.20
C TYR A 17 5.02 11.35 3.57
N ASN A 18 4.45 10.68 4.58
CA ASN A 18 4.94 10.80 5.95
C ASN A 18 5.69 9.55 6.36
N PRO A 19 7.00 9.50 6.03
CA PRO A 19 7.86 8.36 6.36
C PRO A 19 8.14 8.26 7.86
N LYS A 20 8.10 9.40 8.54
CA LYS A 20 8.35 9.45 9.98
C LYS A 20 7.03 9.40 10.75
N GLY A 21 6.00 8.84 10.13
CA GLY A 21 4.71 8.74 10.78
C GLY A 21 3.98 7.47 10.43
N SER A 22 2.79 7.29 10.98
CA SER A 22 1.99 6.11 10.72
C SER A 22 0.99 6.36 9.60
N TYR A 23 1.35 7.25 8.68
CA TYR A 23 0.48 7.59 7.56
C TYR A 23 0.10 6.33 6.77
N CYS A 24 1.11 5.62 6.27
CA CYS A 24 0.87 4.41 5.50
C CYS A 24 0.10 3.39 6.32
N ASN A 25 0.34 3.39 7.64
CA ASN A 25 -0.34 2.46 8.53
C ASN A 25 -1.85 2.74 8.57
N ASP A 26 -2.20 3.96 8.91
CA ASP A 26 -3.61 4.36 8.98
C ASP A 26 -4.32 4.06 7.66
N LEU A 27 -3.71 4.45 6.55
CA LEU A 27 -4.29 4.23 5.23
C LEU A 27 -4.39 2.74 4.94
N CYS A 28 -3.38 1.98 5.35
CA CYS A 28 -3.37 0.54 5.13
C CYS A 28 -4.48 -0.15 5.91
N THR A 29 -4.49 0.05 7.22
CA THR A 29 -5.51 -0.54 8.07
C THR A 29 -6.90 -0.01 7.74
N GLU A 30 -6.95 1.26 7.36
CA GLU A 30 -8.22 1.90 7.01
C GLU A 30 -8.95 1.11 5.93
N ASN A 31 -8.19 0.32 5.18
CA ASN A 31 -8.76 -0.50 4.11
C ASN A 31 -8.85 -1.96 4.52
N GLY A 32 -8.88 -2.21 5.83
CA GLY A 32 -8.96 -3.56 6.34
C GLY A 32 -7.60 -4.23 6.42
N ALA A 33 -6.77 -3.76 7.35
CA ALA A 33 -5.44 -4.32 7.54
C ALA A 33 -4.99 -4.18 8.98
N GLU A 34 -4.10 -5.09 9.41
CA GLU A 34 -3.59 -5.07 10.77
C GLU A 34 -2.60 -3.93 10.97
N SER A 35 -1.83 -3.62 9.93
CA SER A 35 -0.84 -2.55 9.98
C SER A 35 -0.41 -2.14 8.59
N GLY A 36 0.50 -1.17 8.51
CA GLY A 36 0.99 -0.71 7.23
C GLY A 36 2.08 0.35 7.38
N TYR A 37 3.11 0.25 6.53
CA TYR A 37 4.22 1.19 6.57
C TYR A 37 4.75 1.46 5.16
N CYS A 38 5.53 2.52 5.03
CA CYS A 38 6.11 2.89 3.75
C CYS A 38 7.25 1.95 3.36
N GLN A 39 7.20 1.42 2.16
CA GLN A 39 8.23 0.52 1.67
C GLN A 39 9.14 1.21 0.66
N ILE A 40 10.44 1.17 0.93
CA ILE A 40 11.41 1.80 0.04
C ILE A 40 12.00 0.78 -0.94
N LEU A 41 11.98 -0.49 -0.54
CA LEU A 41 12.51 -1.55 -1.38
C LEU A 41 11.49 -1.99 -2.42
N GLY A 42 10.71 -1.03 -2.93
CA GLY A 42 9.70 -1.33 -3.92
C GLY A 42 10.22 -1.16 -5.34
N LYS A 43 9.97 -2.17 -6.18
CA LYS A 43 10.42 -2.12 -7.56
C LYS A 43 9.98 -0.83 -8.24
N TYR A 44 8.91 -0.24 -7.72
CA TYR A 44 8.38 1.00 -8.28
C TYR A 44 8.84 2.21 -7.46
N GLY A 45 9.95 2.04 -6.76
CA GLY A 45 10.49 3.12 -5.94
C GLY A 45 10.01 3.05 -4.51
N ASN A 46 8.84 3.60 -4.24
CA ASN A 46 8.27 3.59 -2.90
C ASN A 46 6.76 3.42 -2.94
N ALA A 47 6.25 2.47 -2.14
CA ALA A 47 4.82 2.22 -2.09
C ALA A 47 4.39 1.81 -0.68
N CYS A 48 3.17 2.19 -0.31
CA CYS A 48 2.64 1.87 1.01
C CYS A 48 2.45 0.36 1.17
N TRP A 49 3.23 -0.24 2.06
CA TRP A 49 3.15 -1.67 2.30
C TRP A 49 2.23 -1.98 3.48
N CYS A 50 1.10 -2.62 3.20
CA CYS A 50 0.14 -2.97 4.23
C CYS A 50 0.36 -4.40 4.73
N ILE A 51 0.23 -4.59 6.03
CA ILE A 51 0.42 -5.91 6.64
C ILE A 51 -0.91 -6.50 7.08
N GLN A 52 -1.09 -7.80 6.84
CA GLN A 52 -2.32 -8.48 7.20
C GLN A 52 -3.49 -7.99 6.37
N LEU A 53 -3.22 -7.58 5.14
CA LEU A 53 -4.25 -7.07 4.24
C LEU A 53 -4.92 -8.22 3.49
N PRO A 54 -6.26 -8.20 3.47
CA PRO A 54 -7.05 -9.23 2.78
C PRO A 54 -6.92 -9.15 1.26
N ASP A 55 -7.06 -10.29 0.60
CA ASP A 55 -6.96 -10.34 -0.85
C ASP A 55 -8.09 -9.56 -1.51
N ASN A 56 -9.02 -9.08 -0.69
CA ASN A 56 -10.16 -8.31 -1.19
C ASN A 56 -9.72 -6.91 -1.59
N VAL A 57 -8.64 -6.43 -0.99
CA VAL A 57 -8.13 -5.10 -1.29
C VAL A 57 -7.23 -5.11 -2.53
N PRO A 58 -7.42 -4.11 -3.40
CA PRO A 58 -6.64 -3.99 -4.63
C PRO A 58 -5.19 -3.62 -4.38
N ILE A 59 -4.28 -4.37 -4.99
CA ILE A 59 -2.85 -4.12 -4.82
C ILE A 59 -2.24 -3.53 -6.08
N ARG A 60 -0.99 -3.10 -5.98
CA ARG A 60 -0.29 -2.50 -7.12
C ARG A 60 0.14 -3.58 -8.11
N ILE A 61 -0.45 -3.54 -9.30
CA ILE A 61 -0.13 -4.51 -10.34
C ILE A 61 0.66 -3.86 -11.47
N PRO A 62 1.36 -4.69 -12.26
CA PRO A 62 2.15 -4.22 -13.40
C PRO A 62 1.30 -3.69 -14.54
N GLY A 63 0.57 -2.61 -14.27
CA GLY A 63 -0.29 -2.02 -15.28
C GLY A 63 -0.24 -0.51 -15.27
N LYS A 64 -1.00 0.11 -16.17
CA LYS A 64 -1.05 1.56 -16.27
C LYS A 64 -2.05 2.15 -15.29
N CYS A 65 -1.74 3.32 -14.75
CA CYS A 65 -2.62 3.99 -13.80
C CYS A 65 -3.55 4.97 -14.51
N HIS A 66 -4.75 5.15 -13.96
CA HIS A 66 -5.73 6.05 -14.54
C HIS A 66 -5.04 7.25 -15.20
#